data_2OKR
#
_entry.id   2OKR
#
_cell.length_a   81.550
_cell.length_b   81.550
_cell.length_c   121.360
_cell.angle_alpha   90.00
_cell.angle_beta   90.00
_cell.angle_gamma   120.00
#
_symmetry.space_group_name_H-M   'P 31'
#
loop_
_entity.id
_entity.type
_entity.pdbx_description
1 polymer 'Mitogen-activated protein kinase 14'
2 polymer 'MAP kinase-activated protein kinase 2'
3 water water
#
loop_
_entity_poly.entity_id
_entity_poly.type
_entity_poly.pdbx_seq_one_letter_code
_entity_poly.pdbx_strand_id
1 'polypeptide(L)'
;GSHMLEMSQERPTFYRQELNKTIWEVPERYQNLSPVGSGAYGSVCAAFDTKTGLRVAVKKLSRPFQSIIHAKRTYRELRL
LKHMKHENVIGLLDVFTPARSLEEFNDVYLVTHLMGADLNNIVKCQKLTDDHVQFLIYQILRGLKYIHSADIIHRDLKPS
NLAVNEDCELKILDFGLARHTDDEMTGYVATRWYRAPEIMLNWMHYNQTVDIWSVGCIMAELLTGRTLFPGTDHIDQLKL
ILRLVGTPGAELLKKISSESARNYIQSLTQMPKMNFANVFIGANPLAVDLLEKMLVLDSDKRITAAQALAHAYFAQYHDP
DDEPVADPYDQSFESRDLLIDEWKSLTYDEVISFVPPPLDQEEMES
;
A,D
2 'polypeptide(L)' IKIKKIEDASNPLLLKRRKKARAL C,F
#
# COMPACT_ATOMS: atom_id res chain seq x y z
N GLU A 10 26.27 27.75 18.12
CA GLU A 10 26.31 27.72 16.66
C GLU A 10 24.92 27.78 16.02
N ARG A 11 23.87 27.91 16.84
CA ARG A 11 22.51 28.03 16.31
C ARG A 11 22.37 29.37 15.58
N PRO A 12 22.03 29.32 14.30
CA PRO A 12 21.85 30.53 13.51
C PRO A 12 20.52 31.19 13.88
N THR A 13 20.30 32.39 13.34
CA THR A 13 19.06 33.11 13.57
C THR A 13 18.04 32.55 12.58
N PHE A 14 16.85 32.24 13.10
CA PHE A 14 15.77 31.71 12.28
C PHE A 14 14.72 32.78 12.02
N TYR A 15 14.01 32.62 10.91
CA TYR A 15 12.92 33.51 10.62
C TYR A 15 11.82 32.60 10.17
N ARG A 16 10.61 33.02 10.45
CA ARG A 16 9.48 32.18 10.16
C ARG A 16 8.50 32.88 9.24
N GLN A 17 7.89 32.10 8.38
CA GLN A 17 6.93 32.62 7.42
C GLN A 17 6.02 31.50 6.99
N GLU A 18 4.78 31.83 6.71
CA GLU A 18 3.84 30.84 6.24
C GLU A 18 3.76 30.99 4.74
N LEU A 19 4.13 29.94 4.03
CA LEU A 19 4.08 29.96 2.58
C LEU A 19 3.09 28.91 2.18
N ASN A 20 2.08 29.30 1.41
CA ASN A 20 1.02 28.40 0.97
C ASN A 20 0.41 27.57 2.13
N LYS A 21 -0.13 28.27 3.13
CA LYS A 21 -0.76 27.61 4.27
C LYS A 21 0.13 26.66 5.09
N THR A 22 1.44 26.83 4.97
CA THR A 22 2.41 25.99 5.71
C THR A 22 3.60 26.77 6.25
N ILE A 23 3.91 26.55 7.53
CA ILE A 23 4.99 27.24 8.23
C ILE A 23 6.43 26.75 7.97
N TRP A 24 7.26 27.65 7.50
CA TRP A 24 8.68 27.37 7.27
C TRP A 24 9.43 28.21 8.27
N GLU A 25 10.29 27.57 9.07
CA GLU A 25 11.14 28.28 9.99
C GLU A 25 12.56 27.86 9.65
N VAL A 26 13.26 28.75 8.94
CA VAL A 26 14.59 28.44 8.45
C VAL A 26 15.64 29.48 8.85
N PRO A 27 16.91 29.11 8.75
CA PRO A 27 17.98 30.06 9.04
C PRO A 27 17.90 31.20 8.03
N GLU A 28 18.28 32.39 8.47
CA GLU A 28 18.22 33.56 7.62
C GLU A 28 19.10 33.46 6.36
N ARG A 29 20.06 32.54 6.36
CA ARG A 29 20.89 32.35 5.18
C ARG A 29 20.06 31.97 3.94
N TYR A 30 18.89 31.39 4.15
CA TYR A 30 18.00 30.97 3.06
C TYR A 30 16.97 32.01 2.77
N GLN A 31 17.06 32.57 1.58
CA GLN A 31 16.24 33.70 1.18
C GLN A 31 15.39 33.46 -0.08
N ASN A 32 14.28 34.20 -0.16
CA ASN A 32 13.38 34.13 -1.31
C ASN A 32 12.87 32.71 -1.56
N LEU A 33 12.17 32.17 -0.56
CA LEU A 33 11.61 30.84 -0.64
C LEU A 33 10.45 30.81 -1.58
N SER A 34 10.47 29.85 -2.49
CA SER A 34 9.40 29.71 -3.46
C SER A 34 8.92 28.26 -3.47
N PRO A 35 7.68 28.06 -3.06
CA PRO A 35 7.10 26.73 -3.03
C PRO A 35 7.27 26.12 -4.41
N VAL A 36 8.04 25.04 -4.47
CA VAL A 36 8.34 24.43 -5.75
C VAL A 36 7.70 23.07 -5.85
N GLY A 37 6.87 22.75 -4.86
CA GLY A 37 6.18 21.47 -4.87
C GLY A 37 5.86 20.97 -3.49
N SER A 38 4.88 20.08 -3.43
CA SER A 38 4.47 19.47 -2.19
C SER A 38 4.59 18.01 -2.52
N GLY A 39 4.13 17.17 -1.61
CA GLY A 39 4.17 15.74 -1.82
C GLY A 39 3.38 15.08 -0.71
N ALA A 40 3.85 13.92 -0.28
CA ALA A 40 3.22 13.18 0.81
C ALA A 40 4.35 12.87 1.77
N TYR A 41 5.56 13.26 1.36
CA TYR A 41 6.76 13.03 2.15
C TYR A 41 7.37 14.35 2.62
N GLY A 42 6.81 15.46 2.18
CA GLY A 42 7.31 16.77 2.59
C GLY A 42 7.19 17.80 1.48
N SER A 43 7.08 19.06 1.88
CA SER A 43 6.98 20.17 0.94
C SER A 43 8.39 20.62 0.57
N VAL A 44 8.53 21.17 -0.63
CA VAL A 44 9.80 21.66 -1.12
C VAL A 44 9.67 23.10 -1.63
N CYS A 45 10.68 23.92 -1.35
CA CYS A 45 10.76 25.30 -1.76
C CYS A 45 12.11 25.48 -2.40
N ALA A 46 12.18 26.32 -3.42
CA ALA A 46 13.48 26.65 -4.00
C ALA A 46 13.88 27.90 -3.23
N ALA A 47 15.18 28.12 -3.03
CA ALA A 47 15.61 29.31 -2.31
C ALA A 47 17.01 29.70 -2.70
N PHE A 48 17.42 30.90 -2.29
CA PHE A 48 18.76 31.34 -2.57
C PHE A 48 19.55 31.15 -1.27
N ASP A 49 20.66 30.43 -1.37
CA ASP A 49 21.48 30.21 -0.19
C ASP A 49 22.59 31.23 -0.20
N THR A 50 22.40 32.30 0.56
CA THR A 50 23.40 33.38 0.65
C THR A 50 24.76 32.92 1.11
N LYS A 51 24.86 31.80 1.82
CA LYS A 51 26.16 31.33 2.29
C LYS A 51 27.05 30.76 1.16
N THR A 52 26.45 29.96 0.28
CA THR A 52 27.18 29.32 -0.82
C THR A 52 26.97 30.05 -2.14
N GLY A 53 25.95 30.92 -2.16
CA GLY A 53 25.57 31.64 -3.37
C GLY A 53 24.83 30.72 -4.33
N LEU A 54 24.34 29.58 -3.82
CA LEU A 54 23.68 28.60 -4.67
C LEU A 54 22.17 28.74 -4.63
N ARG A 55 21.53 28.20 -5.68
CA ARG A 55 20.08 28.05 -5.68
C ARG A 55 19.95 26.65 -5.04
N VAL A 56 19.01 26.48 -4.10
CA VAL A 56 18.90 25.25 -3.32
C VAL A 56 17.47 24.79 -3.18
N ALA A 57 17.32 23.52 -2.79
CA ALA A 57 15.99 22.97 -2.56
C ALA A 57 15.93 22.74 -1.05
N VAL A 58 14.96 23.37 -0.40
CA VAL A 58 14.80 23.19 1.03
C VAL A 58 13.59 22.32 1.17
N LYS A 59 13.81 21.11 1.69
CA LYS A 59 12.77 20.12 1.87
C LYS A 59 12.36 20.00 3.34
N LYS A 60 11.09 20.26 3.62
CA LYS A 60 10.61 20.17 4.98
C LYS A 60 9.87 18.86 5.19
N LEU A 61 10.33 18.06 6.16
CA LEU A 61 9.60 16.85 6.56
C LEU A 61 8.78 17.29 7.79
N SER A 62 7.46 17.33 7.64
CA SER A 62 6.58 17.80 8.72
C SER A 62 6.08 16.66 9.64
N ARG A 63 5.95 15.50 9.01
CA ARG A 63 5.40 14.27 9.59
C ARG A 63 6.44 13.17 9.87
N PRO A 64 7.69 13.55 10.13
CA PRO A 64 8.76 12.56 10.17
C PRO A 64 8.58 11.31 11.04
N PHE A 65 7.92 11.46 12.19
CA PHE A 65 7.80 10.36 13.14
C PHE A 65 6.39 9.90 13.48
N GLN A 66 5.52 9.82 12.47
CA GLN A 66 4.14 9.36 12.71
C GLN A 66 4.04 7.83 12.82
N SER A 67 5.09 7.13 12.39
CA SER A 67 5.12 5.67 12.50
C SER A 67 6.56 5.17 12.53
N ILE A 68 6.72 3.88 12.83
CA ILE A 68 8.04 3.26 12.88
C ILE A 68 8.61 3.27 11.49
N ILE A 69 7.74 3.07 10.51
CA ILE A 69 8.12 3.09 9.11
C ILE A 69 8.60 4.47 8.70
N HIS A 70 7.88 5.51 9.13
CA HIS A 70 8.24 6.90 8.83
C HIS A 70 9.54 7.27 9.53
N ALA A 71 9.56 7.08 10.84
CA ALA A 71 10.73 7.42 11.65
C ALA A 71 12.01 6.78 11.08
N LYS A 72 11.91 5.50 10.75
CA LYS A 72 13.04 4.76 10.24
C LYS A 72 13.47 5.25 8.87
N ARG A 73 12.50 5.52 7.99
CA ARG A 73 12.79 6.04 6.65
C ARG A 73 13.43 7.44 6.68
N THR A 74 13.02 8.25 7.66
CA THR A 74 13.56 9.60 7.90
C THR A 74 15.04 9.47 8.27
N TYR A 75 15.31 8.57 9.22
CA TYR A 75 16.68 8.27 9.68
C TYR A 75 17.51 7.73 8.52
N ARG A 76 16.94 6.81 7.74
CA ARG A 76 17.61 6.24 6.55
C ARG A 76 17.96 7.31 5.51
N GLU A 77 17.04 8.22 5.23
CA GLU A 77 17.29 9.27 4.27
C GLU A 77 18.41 10.21 4.76
N LEU A 78 18.43 10.49 6.06
CA LEU A 78 19.45 11.37 6.57
C LEU A 78 20.82 10.70 6.55
N ARG A 79 20.85 9.41 6.89
CA ARG A 79 22.07 8.63 6.90
C ARG A 79 22.64 8.56 5.46
N LEU A 80 21.80 8.21 4.49
CA LEU A 80 22.22 8.11 3.09
C LEU A 80 22.81 9.44 2.62
N LEU A 81 22.04 10.51 2.77
CA LEU A 81 22.43 11.83 2.33
C LEU A 81 23.71 12.37 2.98
N LYS A 82 23.91 12.13 4.28
CA LYS A 82 25.14 12.59 4.93
C LYS A 82 26.38 11.83 4.41
N HIS A 83 26.17 10.60 3.92
CA HIS A 83 27.25 9.78 3.39
C HIS A 83 27.69 10.16 1.96
N MET A 84 26.83 10.80 1.19
CA MET A 84 27.14 11.11 -0.21
C MET A 84 28.07 12.27 -0.48
N LYS A 85 29.33 11.95 -0.78
CA LYS A 85 30.35 12.96 -1.07
C LYS A 85 30.95 12.67 -2.43
N HIS A 86 30.26 13.02 -3.50
CA HIS A 86 30.72 12.69 -4.85
C HIS A 86 30.20 13.68 -5.87
N GLU A 87 31.07 14.03 -6.80
CA GLU A 87 30.78 15.01 -7.85
C GLU A 87 29.51 14.74 -8.67
N ASN A 88 29.21 13.46 -8.88
CA ASN A 88 28.04 13.07 -9.68
C ASN A 88 26.83 12.60 -8.85
N VAL A 89 26.84 12.92 -7.55
CA VAL A 89 25.75 12.54 -6.65
C VAL A 89 25.34 13.74 -5.80
N ILE A 90 24.05 14.00 -5.72
CA ILE A 90 23.59 15.12 -4.91
C ILE A 90 23.95 14.91 -3.41
N GLY A 91 24.61 15.88 -2.79
CA GLY A 91 24.98 15.73 -1.39
C GLY A 91 24.17 16.64 -0.48
N LEU A 92 24.35 16.48 0.84
CA LEU A 92 23.60 17.28 1.80
C LEU A 92 24.34 18.60 1.97
N LEU A 93 23.69 19.72 1.68
CA LEU A 93 24.35 20.99 1.92
C LEU A 93 24.09 21.41 3.37
N ASP A 94 22.93 21.02 3.89
CA ASP A 94 22.57 21.40 5.26
C ASP A 94 21.39 20.57 5.70
N VAL A 95 21.24 20.44 7.01
CA VAL A 95 20.10 19.81 7.64
C VAL A 95 19.95 20.58 8.96
N PHE A 96 18.72 20.96 9.27
CA PHE A 96 18.48 21.73 10.49
C PHE A 96 17.07 21.54 10.99
N THR A 97 16.84 21.94 12.24
CA THR A 97 15.52 21.96 12.83
C THR A 97 15.53 23.19 13.71
N PRO A 98 14.38 23.85 13.81
CA PRO A 98 14.24 25.02 14.67
C PRO A 98 14.16 24.61 16.15
N ALA A 99 14.05 23.31 16.42
CA ALA A 99 13.99 22.80 17.79
C ALA A 99 15.27 23.02 18.57
N ARG A 100 15.13 23.47 19.81
CA ARG A 100 16.29 23.76 20.66
C ARG A 100 16.64 22.55 21.55
N SER A 101 15.86 21.48 21.43
CA SER A 101 16.09 20.27 22.21
C SER A 101 15.35 19.09 21.60
N LEU A 102 15.71 17.90 22.05
CA LEU A 102 15.08 16.67 21.59
C LEU A 102 13.57 16.64 21.85
N GLU A 103 13.16 17.13 23.03
CA GLU A 103 11.75 17.15 23.41
C GLU A 103 10.85 17.92 22.44
N GLU A 104 11.30 19.09 22.01
CA GLU A 104 10.53 19.89 21.06
C GLU A 104 10.86 19.59 19.60
N PHE A 105 11.71 18.58 19.36
CA PHE A 105 12.12 18.19 18.01
C PHE A 105 10.99 17.47 17.26
N ASN A 106 10.58 18.03 16.13
CA ASN A 106 9.50 17.44 15.35
C ASN A 106 9.68 17.66 13.86
N ASP A 107 10.31 18.75 13.50
CA ASP A 107 10.47 19.05 12.10
C ASP A 107 11.93 18.91 11.70
N VAL A 108 12.14 18.39 10.50
CA VAL A 108 13.48 18.30 9.97
C VAL A 108 13.48 18.88 8.56
N TYR A 109 14.51 19.65 8.26
CA TYR A 109 14.66 20.31 6.96
C TYR A 109 15.96 19.85 6.30
N LEU A 110 15.90 19.48 5.03
CA LEU A 110 17.10 19.05 4.28
C LEU A 110 17.36 20.02 3.12
N VAL A 111 18.62 20.43 2.97
CA VAL A 111 19.01 21.39 1.94
C VAL A 111 19.99 20.77 0.95
N THR A 112 19.61 20.80 -0.32
CA THR A 112 20.43 20.27 -1.39
C THR A 112 20.55 21.30 -2.52
N HIS A 113 21.61 21.18 -3.30
CA HIS A 113 21.85 22.07 -4.42
C HIS A 113 20.77 21.82 -5.51
N LEU A 114 20.13 22.89 -5.97
CA LEU A 114 19.09 22.79 -7.01
C LEU A 114 19.78 23.11 -8.35
N MET A 115 20.51 22.14 -8.87
CA MET A 115 21.28 22.28 -10.10
C MET A 115 20.46 22.06 -11.36
N GLY A 116 20.70 22.92 -12.34
CA GLY A 116 20.06 22.85 -13.66
C GLY A 116 18.59 22.45 -13.66
N ALA A 117 18.26 21.50 -14.53
CA ALA A 117 16.90 21.01 -14.67
C ALA A 117 16.99 19.49 -14.72
N ASP A 118 15.87 18.79 -14.64
CA ASP A 118 15.98 17.33 -14.76
C ASP A 118 16.10 16.88 -16.23
N LEU A 119 16.73 15.72 -16.43
CA LEU A 119 16.98 15.22 -17.77
C LEU A 119 15.72 15.15 -18.65
N ASN A 120 14.62 14.74 -18.04
CA ASN A 120 13.33 14.71 -18.75
C ASN A 120 13.01 16.12 -19.32
N ASN A 121 13.24 17.15 -18.52
CA ASN A 121 12.98 18.52 -18.97
C ASN A 121 13.88 18.98 -20.11
N ILE A 122 15.14 18.57 -20.05
CA ILE A 122 16.12 18.92 -21.08
C ILE A 122 15.72 18.31 -22.44
N VAL A 123 15.45 17.01 -22.44
CA VAL A 123 15.06 16.28 -23.65
C VAL A 123 13.79 16.88 -24.31
N LYS A 124 12.85 17.36 -23.48
CA LYS A 124 11.63 17.96 -24.01
C LYS A 124 11.90 19.20 -24.84
N CYS A 125 13.06 19.82 -24.61
CA CYS A 125 13.39 21.07 -25.29
C CYS A 125 14.61 20.92 -26.18
N GLN A 126 15.13 19.71 -26.34
CA GLN A 126 16.34 19.60 -27.12
C GLN A 126 16.67 18.18 -27.55
N LYS A 127 17.27 18.06 -28.73
CA LYS A 127 17.73 16.79 -29.24
C LYS A 127 19.23 16.69 -28.93
N LEU A 128 19.60 15.75 -28.07
CA LEU A 128 20.99 15.61 -27.66
C LEU A 128 21.82 14.95 -28.74
N THR A 129 23.12 15.19 -28.72
CA THR A 129 24.00 14.55 -29.72
C THR A 129 24.53 13.29 -29.06
N ASP A 130 25.19 12.43 -29.86
CA ASP A 130 25.78 11.23 -29.31
C ASP A 130 26.85 11.62 -28.31
N ASP A 131 27.48 12.78 -28.54
CA ASP A 131 28.54 13.28 -27.66
C ASP A 131 27.96 13.55 -26.26
N HIS A 132 26.82 14.27 -26.21
CA HIS A 132 26.10 14.54 -24.96
C HIS A 132 25.82 13.23 -24.25
N VAL A 133 25.31 12.26 -25.02
CA VAL A 133 24.92 10.96 -24.46
C VAL A 133 26.08 10.22 -23.82
N GLN A 134 27.25 10.22 -24.47
CA GLN A 134 28.45 9.58 -23.92
C GLN A 134 28.80 10.19 -22.57
N PHE A 135 28.88 11.51 -22.53
CA PHE A 135 29.29 12.23 -21.31
C PHE A 135 28.28 12.15 -20.19
N LEU A 136 27.00 12.19 -20.53
CA LEU A 136 25.94 12.09 -19.56
C LEU A 136 25.90 10.71 -18.97
N ILE A 137 25.96 9.69 -19.82
CA ILE A 137 25.92 8.32 -19.29
C ILE A 137 27.18 8.00 -18.51
N TYR A 138 28.31 8.51 -19.00
CA TYR A 138 29.56 8.31 -18.29
C TYR A 138 29.40 8.85 -16.86
N GLN A 139 28.78 10.04 -16.73
CA GLN A 139 28.62 10.63 -15.39
C GLN A 139 27.69 9.87 -14.46
N ILE A 140 26.65 9.28 -15.03
CA ILE A 140 25.76 8.44 -14.24
C ILE A 140 26.55 7.23 -13.68
N LEU A 141 27.32 6.56 -14.55
CA LEU A 141 28.12 5.39 -14.13
C LEU A 141 29.23 5.74 -13.15
N ARG A 142 29.82 6.92 -13.30
CA ARG A 142 30.85 7.36 -12.34
C ARG A 142 30.19 7.48 -10.95
N GLY A 143 29.01 8.11 -10.92
CA GLY A 143 28.24 8.25 -9.67
C GLY A 143 27.83 6.90 -9.10
N LEU A 144 27.35 6.01 -9.96
CA LEU A 144 26.95 4.68 -9.54
C LEU A 144 28.11 3.81 -9.05
N LYS A 145 29.31 3.92 -9.64
CA LYS A 145 30.43 3.13 -9.11
C LYS A 145 30.69 3.58 -7.65
N TYR A 146 30.57 4.87 -7.39
CA TYR A 146 30.83 5.40 -6.06
C TYR A 146 29.80 4.84 -5.11
N ILE A 147 28.53 4.98 -5.47
CA ILE A 147 27.41 4.49 -4.68
C ILE A 147 27.45 3.00 -4.42
N HIS A 148 27.66 2.22 -5.48
CA HIS A 148 27.67 0.77 -5.34
C HIS A 148 28.84 0.27 -4.50
N SER A 149 29.92 1.05 -4.46
CA SER A 149 31.13 0.68 -3.70
C SER A 149 30.86 0.72 -2.19
N ALA A 150 29.87 1.53 -1.80
CA ALA A 150 29.45 1.59 -0.39
C ALA A 150 28.32 0.58 -0.16
N ASP A 151 28.06 -0.25 -1.16
CA ASP A 151 26.97 -1.21 -1.10
C ASP A 151 25.59 -0.51 -0.98
N ILE A 152 25.45 0.64 -1.60
CA ILE A 152 24.16 1.35 -1.62
C ILE A 152 23.56 1.10 -3.02
N ILE A 153 22.24 0.90 -3.10
CA ILE A 153 21.53 0.75 -4.38
C ILE A 153 20.54 1.92 -4.46
N HIS A 154 20.55 2.66 -5.57
CA HIS A 154 19.66 3.81 -5.74
C HIS A 154 18.27 3.18 -5.67
N ARG A 155 17.94 2.38 -6.71
CA ARG A 155 16.68 1.66 -6.81
C ARG A 155 15.62 2.40 -7.62
N ASP A 156 15.79 3.68 -7.86
CA ASP A 156 14.76 4.46 -8.53
C ASP A 156 15.28 5.42 -9.60
N LEU A 157 16.28 4.99 -10.35
CA LEU A 157 16.88 5.82 -11.38
C LEU A 157 15.95 5.97 -12.59
N LYS A 158 15.80 7.21 -13.06
CA LYS A 158 15.00 7.55 -14.20
C LYS A 158 15.41 8.97 -14.51
N PRO A 159 15.00 9.48 -15.68
CA PRO A 159 15.42 10.80 -16.12
C PRO A 159 15.10 11.93 -15.13
N SER A 160 13.97 11.81 -14.45
CA SER A 160 13.53 12.84 -13.52
C SER A 160 14.39 12.88 -12.25
N ASN A 161 15.26 11.87 -12.08
CA ASN A 161 16.14 11.80 -10.93
C ASN A 161 17.60 12.10 -11.30
N LEU A 162 17.78 12.83 -12.38
CA LEU A 162 19.11 13.20 -12.84
C LEU A 162 19.08 14.70 -13.13
N ALA A 163 19.95 15.45 -12.46
CA ALA A 163 19.99 16.90 -12.58
C ALA A 163 21.07 17.19 -13.59
N VAL A 164 20.82 18.10 -14.52
CA VAL A 164 21.83 18.37 -15.55
C VAL A 164 21.84 19.87 -15.81
N ASN A 165 23.02 20.45 -15.99
CA ASN A 165 23.10 21.88 -16.28
C ASN A 165 23.59 22.21 -17.70
N GLU A 166 23.77 23.50 -17.98
CA GLU A 166 24.13 23.96 -19.32
C GLU A 166 25.47 23.47 -19.78
N ASP A 167 26.38 23.26 -18.82
CA ASP A 167 27.71 22.74 -19.12
C ASP A 167 27.75 21.23 -19.09
N CYS A 168 26.58 20.61 -19.06
CA CYS A 168 26.54 19.17 -19.16
C CYS A 168 26.97 18.38 -17.94
N GLU A 169 27.01 19.03 -16.79
CA GLU A 169 27.34 18.31 -15.56
C GLU A 169 26.08 17.56 -15.14
N LEU A 170 26.26 16.42 -14.48
CA LEU A 170 25.12 15.61 -14.08
C LEU A 170 25.29 15.09 -12.66
N LYS A 171 24.19 15.01 -11.92
CA LYS A 171 24.23 14.46 -10.56
C LYS A 171 23.02 13.59 -10.35
N ILE A 172 23.24 12.46 -9.69
CA ILE A 172 22.14 11.54 -9.40
C ILE A 172 21.45 12.04 -8.11
N LEU A 173 20.12 12.03 -8.11
CA LEU A 173 19.39 12.47 -6.94
C LEU A 173 18.24 11.56 -6.55
N ASP A 174 17.53 11.96 -5.50
CA ASP A 174 16.33 11.26 -5.04
C ASP A 174 16.44 9.73 -4.99
N PHE A 175 17.27 9.22 -4.08
CA PHE A 175 17.43 7.78 -3.91
C PHE A 175 16.11 7.13 -3.47
N GLY A 176 15.84 5.92 -3.94
CA GLY A 176 14.63 5.20 -3.53
C GLY A 176 14.79 4.94 -2.01
N LEU A 177 13.88 5.48 -1.21
CA LEU A 177 13.99 5.35 0.25
C LEU A 177 13.14 4.22 0.86
N ALA A 178 12.26 3.63 0.05
CA ALA A 178 11.40 2.55 0.52
C ALA A 178 12.16 1.21 0.58
N ARG A 179 12.05 0.51 1.70
CA ARG A 179 12.77 -0.74 1.89
C ARG A 179 11.89 -1.80 2.54
N ALA A 190 5.11 5.30 -15.74
CA ALA A 190 6.37 5.97 -16.03
C ALA A 190 7.51 5.42 -15.17
N THR A 191 7.32 5.45 -13.86
CA THR A 191 8.31 4.97 -12.91
C THR A 191 8.81 3.54 -13.21
N ARG A 192 7.86 2.63 -13.41
CA ARG A 192 8.21 1.23 -13.68
C ARG A 192 8.90 1.00 -15.02
N TRP A 193 8.85 1.99 -15.90
CA TRP A 193 9.48 1.89 -17.22
C TRP A 193 11.00 1.74 -17.21
N TYR A 194 11.61 2.02 -16.06
CA TYR A 194 13.07 1.96 -15.92
C TYR A 194 13.43 0.88 -14.93
N ARG A 195 12.44 0.22 -14.36
CA ARG A 195 12.71 -0.82 -13.37
C ARG A 195 13.06 -2.21 -13.95
N ALA A 196 14.01 -2.84 -13.29
CA ALA A 196 14.49 -4.16 -13.67
C ALA A 196 13.40 -5.23 -13.47
N PRO A 197 13.27 -6.14 -14.43
CA PRO A 197 12.25 -7.20 -14.37
C PRO A 197 12.10 -7.88 -13.01
N GLU A 198 13.24 -8.22 -12.42
CA GLU A 198 13.28 -8.93 -11.15
C GLU A 198 12.87 -8.15 -9.92
N ILE A 199 12.84 -6.83 -10.02
CA ILE A 199 12.44 -6.00 -8.90
C ILE A 199 10.97 -5.58 -9.06
N MET A 200 10.51 -5.58 -10.31
CA MET A 200 9.14 -5.21 -10.63
C MET A 200 8.12 -6.17 -10.04
N LEU A 201 8.44 -7.46 -10.13
CA LEU A 201 7.56 -8.50 -9.67
C LEU A 201 8.12 -9.13 -8.42
N ASN A 202 9.24 -8.56 -7.96
CA ASN A 202 9.92 -9.03 -6.75
C ASN A 202 10.29 -10.51 -6.86
N TRP A 203 11.00 -10.86 -7.92
CA TRP A 203 11.44 -12.23 -8.16
C TRP A 203 12.48 -12.72 -7.17
N MET A 204 13.32 -11.79 -6.72
CA MET A 204 14.41 -12.14 -5.80
C MET A 204 14.91 -10.88 -5.13
N HIS A 205 15.87 -11.06 -4.21
CA HIS A 205 16.55 -9.96 -3.54
C HIS A 205 17.37 -9.24 -4.59
N TYR A 206 17.23 -7.91 -4.66
CA TYR A 206 17.94 -7.14 -5.67
C TYR A 206 19.44 -6.85 -5.58
N ASN A 207 20.05 -6.89 -6.75
CA ASN A 207 21.46 -6.68 -6.94
C ASN A 207 21.67 -5.20 -7.25
N GLN A 208 22.90 -4.72 -7.11
CA GLN A 208 23.24 -3.34 -7.41
C GLN A 208 22.93 -3.10 -8.89
N THR A 209 23.04 -4.17 -9.70
CA THR A 209 22.74 -4.03 -11.12
C THR A 209 21.30 -3.72 -11.54
N VAL A 210 20.39 -3.58 -10.57
CA VAL A 210 19.04 -3.12 -10.90
C VAL A 210 19.20 -1.66 -11.39
N ASP A 211 20.20 -0.94 -10.87
CA ASP A 211 20.49 0.44 -11.31
C ASP A 211 21.11 0.44 -12.71
N ILE A 212 21.88 -0.59 -13.02
CA ILE A 212 22.48 -0.70 -14.36
C ILE A 212 21.39 -0.92 -15.41
N TRP A 213 20.41 -1.76 -15.08
CA TRP A 213 19.24 -1.96 -15.97
C TRP A 213 18.54 -0.59 -16.24
N SER A 214 18.30 0.19 -15.18
CA SER A 214 17.69 1.52 -15.37
C SER A 214 18.58 2.37 -16.26
N VAL A 215 19.90 2.27 -16.10
CA VAL A 215 20.77 3.04 -16.96
C VAL A 215 20.59 2.71 -18.45
N GLY A 216 20.50 1.41 -18.76
CA GLY A 216 20.30 0.93 -20.15
C GLY A 216 19.00 1.53 -20.70
N CYS A 217 17.94 1.46 -19.92
CA CYS A 217 16.64 2.06 -20.28
C CYS A 217 16.75 3.55 -20.58
N ILE A 218 17.44 4.27 -19.70
CA ILE A 218 17.68 5.70 -19.91
C ILE A 218 18.50 5.99 -21.17
N MET A 219 19.63 5.29 -21.32
CA MET A 219 20.48 5.52 -22.50
C MET A 219 19.75 5.17 -23.79
N ALA A 220 19.04 4.04 -23.79
CA ALA A 220 18.30 3.62 -25.00
C ALA A 220 17.35 4.75 -25.43
N GLU A 221 16.67 5.34 -24.46
CA GLU A 221 15.74 6.43 -24.76
C GLU A 221 16.43 7.70 -25.23
N LEU A 222 17.61 8.02 -24.69
CA LEU A 222 18.36 9.22 -25.14
C LEU A 222 18.80 9.11 -26.62
N LEU A 223 19.09 7.88 -27.05
CA LEU A 223 19.58 7.64 -28.42
C LEU A 223 18.47 7.58 -29.47
N THR A 224 17.36 6.94 -29.13
CA THR A 224 16.25 6.77 -30.07
C THR A 224 15.18 7.87 -30.00
N GLY A 225 15.04 8.45 -28.81
CA GLY A 225 14.02 9.47 -28.61
C GLY A 225 12.66 8.79 -28.38
N ARG A 226 12.71 7.53 -27.96
CA ARG A 226 11.50 6.76 -27.71
C ARG A 226 11.74 6.01 -26.42
N THR A 227 10.72 5.94 -25.55
CA THR A 227 10.86 5.21 -24.29
C THR A 227 11.04 3.74 -24.68
N LEU A 228 11.94 3.01 -24.03
CA LEU A 228 12.24 1.61 -24.37
C LEU A 228 11.17 0.58 -24.01
N PHE A 229 10.70 0.60 -22.76
CA PHE A 229 9.70 -0.35 -22.31
C PHE A 229 8.48 0.41 -21.73
N PRO A 230 7.68 1.07 -22.57
CA PRO A 230 6.54 1.83 -22.03
C PRO A 230 5.27 1.00 -21.74
N GLY A 231 5.36 0.02 -20.84
CA GLY A 231 4.24 -0.83 -20.50
C GLY A 231 3.15 -0.18 -19.62
N THR A 232 1.96 -0.79 -19.64
CA THR A 232 0.79 -0.33 -18.87
C THR A 232 0.71 -0.92 -17.46
N ASP A 233 0.92 -2.22 -17.34
CA ASP A 233 0.92 -2.88 -16.05
C ASP A 233 2.10 -3.82 -16.02
N HIS A 234 2.37 -4.44 -14.88
CA HIS A 234 3.52 -5.32 -14.70
C HIS A 234 3.66 -6.42 -15.71
N ILE A 235 2.53 -7.09 -16.00
CA ILE A 235 2.53 -8.19 -16.96
C ILE A 235 2.84 -7.65 -18.36
N ASP A 236 2.13 -6.60 -18.76
CA ASP A 236 2.37 -5.94 -20.04
C ASP A 236 3.85 -5.53 -20.17
N GLN A 237 4.38 -4.85 -19.16
CA GLN A 237 5.78 -4.40 -19.18
C GLN A 237 6.75 -5.60 -19.18
N LEU A 238 6.48 -6.60 -18.35
CA LEU A 238 7.28 -7.82 -18.32
C LEU A 238 7.35 -8.46 -19.73
N LYS A 239 6.19 -8.59 -20.36
CA LYS A 239 6.14 -9.18 -21.70
C LYS A 239 6.98 -8.38 -22.71
N LEU A 240 6.91 -7.04 -22.61
CA LEU A 240 7.66 -6.13 -23.48
C LEU A 240 9.16 -6.34 -23.28
N ILE A 241 9.54 -6.46 -22.01
CA ILE A 241 10.91 -6.66 -21.65
C ILE A 241 11.45 -7.96 -22.18
N LEU A 242 10.76 -9.05 -21.83
CA LEU A 242 11.14 -10.39 -22.24
C LEU A 242 11.16 -10.61 -23.75
N ARG A 243 10.44 -9.79 -24.50
CA ARG A 243 10.45 -9.95 -25.96
C ARG A 243 11.82 -9.55 -26.53
N LEU A 244 12.47 -8.55 -25.93
CA LEU A 244 13.75 -8.03 -26.42
C LEU A 244 14.89 -8.85 -25.90
N VAL A 245 14.76 -9.15 -24.63
CA VAL A 245 15.80 -9.77 -23.84
C VAL A 245 15.66 -11.31 -23.74
N GLY A 246 14.55 -11.83 -24.25
CA GLY A 246 14.28 -13.27 -24.19
C GLY A 246 13.67 -13.64 -22.83
N THR A 247 13.17 -14.87 -22.73
CA THR A 247 12.58 -15.39 -21.49
C THR A 247 13.65 -16.11 -20.69
N PRO A 248 13.46 -16.18 -19.37
CA PRO A 248 14.42 -16.82 -18.46
C PRO A 248 14.76 -18.27 -18.75
N GLY A 249 15.98 -18.66 -18.38
CA GLY A 249 16.41 -20.04 -18.55
C GLY A 249 16.46 -20.72 -17.19
N ALA A 250 16.89 -21.96 -17.15
CA ALA A 250 16.99 -22.71 -15.90
C ALA A 250 17.87 -22.00 -14.86
N GLU A 251 19.01 -21.47 -15.30
CA GLU A 251 19.94 -20.78 -14.40
C GLU A 251 19.22 -19.71 -13.60
N LEU A 252 18.60 -18.79 -14.33
CA LEU A 252 17.83 -17.69 -13.76
C LEU A 252 16.62 -18.21 -12.95
N LEU A 253 15.96 -19.25 -13.45
CA LEU A 253 14.83 -19.83 -12.73
C LEU A 253 15.21 -20.34 -11.34
N LYS A 254 16.38 -20.96 -11.23
CA LYS A 254 16.86 -21.42 -9.92
C LYS A 254 16.97 -20.26 -8.91
N LYS A 255 17.17 -19.04 -9.42
CA LYS A 255 17.36 -17.85 -8.57
C LYS A 255 16.06 -17.16 -8.12
N ILE A 256 14.95 -17.53 -8.75
CA ILE A 256 13.67 -16.94 -8.40
C ILE A 256 13.09 -17.66 -7.19
N SER A 257 13.08 -16.99 -6.05
CA SER A 257 12.60 -17.57 -4.79
C SER A 257 11.13 -17.99 -4.74
N SER A 258 10.26 -17.23 -5.38
CA SER A 258 8.83 -17.52 -5.38
C SER A 258 8.44 -18.66 -6.32
N GLU A 259 7.85 -19.71 -5.75
CA GLU A 259 7.38 -20.85 -6.52
C GLU A 259 6.32 -20.46 -7.54
N SER A 260 5.44 -19.53 -7.12
CA SER A 260 4.36 -19.04 -7.98
C SER A 260 4.90 -18.25 -9.16
N ALA A 261 5.91 -17.42 -8.91
CA ALA A 261 6.53 -16.63 -9.99
C ALA A 261 7.21 -17.59 -10.98
N ARG A 262 7.86 -18.61 -10.44
CA ARG A 262 8.52 -19.61 -11.28
C ARG A 262 7.50 -20.35 -12.14
N ASN A 263 6.35 -20.68 -11.55
CA ASN A 263 5.30 -21.34 -12.30
C ASN A 263 4.70 -20.42 -13.37
N TYR A 264 4.64 -19.12 -13.06
CA TYR A 264 4.12 -18.17 -14.04
C TYR A 264 5.11 -18.07 -15.21
N ILE A 265 6.41 -18.02 -14.87
CA ILE A 265 7.51 -17.93 -15.85
C ILE A 265 7.52 -19.10 -16.84
N GLN A 266 7.39 -20.31 -16.33
CA GLN A 266 7.36 -21.50 -17.17
C GLN A 266 6.18 -21.62 -18.14
N SER A 267 5.06 -21.02 -17.75
CA SER A 267 3.81 -20.92 -18.51
C SER A 267 3.86 -20.03 -19.72
N LEU A 268 4.90 -19.20 -19.80
CA LEU A 268 5.08 -18.33 -20.93
C LEU A 268 5.61 -19.08 -22.13
N THR A 269 5.29 -18.64 -23.31
CA THR A 269 5.93 -19.21 -24.45
C THR A 269 7.33 -18.67 -24.67
N GLN A 270 8.32 -19.56 -24.74
CA GLN A 270 9.68 -19.14 -24.82
C GLN A 270 9.93 -18.14 -25.94
N MET A 271 10.89 -17.26 -25.67
CA MET A 271 11.16 -16.10 -26.50
C MET A 271 12.72 -15.97 -26.55
N PRO A 272 13.31 -15.89 -27.74
CA PRO A 272 14.77 -15.80 -27.81
C PRO A 272 15.08 -14.37 -27.53
N LYS A 273 16.27 -14.07 -27.11
CA LYS A 273 16.70 -12.74 -27.13
C LYS A 273 16.84 -12.14 -28.49
N MET A 274 16.54 -10.85 -28.63
CA MET A 274 16.58 -10.21 -29.93
C MET A 274 18.00 -9.67 -30.15
N ASN A 275 18.36 -9.43 -31.39
CA ASN A 275 19.67 -8.81 -31.60
C ASN A 275 19.51 -7.28 -31.61
N PHE A 276 20.21 -6.60 -30.68
CA PHE A 276 20.07 -5.18 -30.48
C PHE A 276 20.42 -4.33 -31.69
N ALA A 277 21.30 -4.86 -32.54
CA ALA A 277 21.70 -4.11 -33.73
C ALA A 277 20.55 -3.84 -34.72
N ASN A 278 19.49 -4.64 -34.67
CA ASN A 278 18.38 -4.38 -35.57
C ASN A 278 17.40 -3.39 -34.93
N VAL A 279 17.43 -3.32 -33.60
CA VAL A 279 16.56 -2.43 -32.86
C VAL A 279 17.09 -0.98 -32.82
N PHE A 280 18.42 -0.82 -32.83
CA PHE A 280 18.99 0.52 -32.77
C PHE A 280 19.84 0.90 -33.98
N ILE A 281 19.33 0.66 -35.19
CA ILE A 281 20.09 0.98 -36.38
C ILE A 281 20.46 2.46 -36.49
N GLY A 282 21.73 2.71 -36.87
CA GLY A 282 22.24 4.05 -37.04
C GLY A 282 22.88 4.63 -35.77
N ALA A 283 22.69 3.95 -34.64
CA ALA A 283 23.30 4.38 -33.37
C ALA A 283 24.78 3.95 -33.32
N ASN A 284 25.58 4.67 -32.54
CA ASN A 284 26.99 4.33 -32.35
C ASN A 284 27.04 2.85 -31.99
N PRO A 285 27.76 2.03 -32.77
CA PRO A 285 27.86 0.59 -32.48
C PRO A 285 28.39 0.29 -31.06
N LEU A 286 29.26 1.14 -30.55
CA LEU A 286 29.79 0.95 -29.21
C LEU A 286 28.66 1.18 -28.19
N ALA A 287 27.76 2.13 -28.50
CA ALA A 287 26.62 2.45 -27.63
C ALA A 287 25.73 1.25 -27.57
N VAL A 288 25.46 0.66 -28.75
CA VAL A 288 24.62 -0.54 -28.79
C VAL A 288 25.24 -1.71 -28.05
N ASP A 289 26.56 -1.88 -28.18
CA ASP A 289 27.28 -2.94 -27.48
C ASP A 289 27.10 -2.77 -25.96
N LEU A 290 27.27 -1.54 -25.47
CA LEU A 290 27.10 -1.28 -24.01
C LEU A 290 25.64 -1.60 -23.61
N LEU A 291 24.69 -1.22 -24.47
CA LEU A 291 23.27 -1.51 -24.20
C LEU A 291 23.02 -3.00 -23.98
N GLU A 292 23.67 -3.85 -24.79
CA GLU A 292 23.52 -5.31 -24.65
C GLU A 292 24.05 -5.80 -23.32
N LYS A 293 25.13 -5.17 -22.84
CA LYS A 293 25.74 -5.55 -21.57
C LYS A 293 24.95 -5.05 -20.35
N MET A 294 24.20 -3.97 -20.53
CA MET A 294 23.42 -3.43 -19.41
C MET A 294 22.05 -4.09 -19.29
N LEU A 295 21.42 -4.36 -20.43
CA LEU A 295 20.07 -4.90 -20.45
C LEU A 295 20.04 -6.42 -20.52
N VAL A 296 20.81 -7.06 -19.64
CA VAL A 296 20.85 -8.52 -19.55
C VAL A 296 19.81 -8.95 -18.52
N LEU A 297 18.98 -9.94 -18.88
CA LEU A 297 17.91 -10.41 -17.99
C LEU A 297 18.41 -10.87 -16.63
N ASP A 298 19.43 -11.72 -16.64
CA ASP A 298 19.97 -12.21 -15.39
C ASP A 298 20.84 -11.11 -14.75
N SER A 299 20.40 -10.61 -13.60
CA SER A 299 21.12 -9.52 -12.91
C SER A 299 22.59 -9.79 -12.61
N ASP A 300 22.90 -11.04 -12.30
CA ASP A 300 24.27 -11.49 -11.99
C ASP A 300 25.21 -11.40 -13.19
N LYS A 301 24.64 -11.25 -14.38
CA LYS A 301 25.40 -11.20 -15.61
C LYS A 301 25.42 -9.83 -16.27
N ARG A 302 24.76 -8.86 -15.65
CA ARG A 302 24.77 -7.48 -16.18
C ARG A 302 26.14 -6.84 -15.84
N ILE A 303 26.66 -6.00 -16.73
CA ILE A 303 27.94 -5.31 -16.52
C ILE A 303 27.80 -4.42 -15.27
N THR A 304 28.85 -4.35 -14.45
CA THR A 304 28.80 -3.53 -13.24
C THR A 304 29.12 -2.08 -13.65
N ALA A 305 28.96 -1.14 -12.73
CA ALA A 305 29.27 0.22 -13.09
C ALA A 305 30.78 0.42 -13.31
N ALA A 306 31.62 -0.24 -12.50
CA ALA A 306 33.08 -0.12 -12.66
C ALA A 306 33.54 -0.64 -14.05
N GLN A 307 32.97 -1.77 -14.44
CA GLN A 307 33.27 -2.37 -15.73
C GLN A 307 32.80 -1.49 -16.87
N ALA A 308 31.59 -0.94 -16.76
CA ALA A 308 31.04 -0.09 -17.83
C ALA A 308 31.87 1.15 -18.05
N LEU A 309 32.44 1.69 -16.98
CA LEU A 309 33.28 2.89 -17.11
C LEU A 309 34.48 2.57 -18.00
N ALA A 310 34.90 1.30 -17.98
CA ALA A 310 36.05 0.78 -18.78
C ALA A 310 35.67 0.44 -20.23
N HIS A 311 34.38 0.47 -20.52
CA HIS A 311 33.88 0.16 -21.86
C HIS A 311 34.37 1.18 -22.90
N ALA A 312 34.67 0.70 -24.11
CA ALA A 312 35.21 1.56 -25.19
C ALA A 312 34.31 2.75 -25.57
N TYR A 313 33.02 2.65 -25.29
CA TYR A 313 32.12 3.77 -25.59
C TYR A 313 32.55 5.06 -24.85
N PHE A 314 33.11 4.94 -23.66
CA PHE A 314 33.56 6.12 -22.91
C PHE A 314 35.06 6.51 -23.05
N ALA A 315 35.73 5.98 -24.07
CA ALA A 315 37.17 6.24 -24.27
C ALA A 315 37.66 7.65 -24.00
N GLN A 316 36.92 8.64 -24.49
CA GLN A 316 37.29 10.04 -24.29
C GLN A 316 37.22 10.50 -22.83
N TYR A 317 36.46 9.79 -22.00
CA TYR A 317 36.18 10.23 -20.62
C TYR A 317 36.73 9.37 -19.52
N HIS A 318 37.05 8.13 -19.82
CA HIS A 318 37.56 7.23 -18.80
C HIS A 318 38.90 7.65 -18.20
N ASP A 319 38.98 7.63 -16.87
CA ASP A 319 40.22 7.86 -16.14
C ASP A 319 40.15 7.06 -14.86
N PRO A 320 40.73 5.87 -14.89
CA PRO A 320 40.68 4.99 -13.72
C PRO A 320 41.36 5.58 -12.48
N ASP A 321 41.98 6.76 -12.63
CA ASP A 321 42.59 7.42 -11.47
C ASP A 321 41.68 8.51 -10.93
N ASP A 322 40.52 8.67 -11.55
CA ASP A 322 39.60 9.71 -11.11
C ASP A 322 38.14 9.25 -11.17
N GLU A 323 37.90 8.04 -10.66
CA GLU A 323 36.56 7.47 -10.59
C GLU A 323 36.52 6.84 -9.24
N PRO A 324 36.50 7.71 -8.23
CA PRO A 324 36.61 7.29 -6.83
C PRO A 324 35.49 6.43 -6.23
N VAL A 325 35.87 5.68 -5.20
CA VAL A 325 34.94 4.84 -4.43
C VAL A 325 34.58 5.53 -3.12
N ALA A 326 33.55 5.02 -2.45
CA ALA A 326 33.09 5.62 -1.19
C ALA A 326 33.71 4.95 0.03
N ASP A 327 33.63 5.63 1.16
CA ASP A 327 34.00 5.03 2.44
C ASP A 327 32.89 3.99 2.67
N PRO A 328 33.11 3.02 3.57
CA PRO A 328 32.07 2.01 3.82
C PRO A 328 30.85 2.64 4.48
N TYR A 329 29.67 2.19 4.09
CA TYR A 329 28.40 2.74 4.64
C TYR A 329 27.79 1.70 5.52
N ASP A 330 27.71 1.98 6.85
CA ASP A 330 27.14 1.01 7.80
C ASP A 330 25.64 0.91 7.75
N GLN A 331 25.14 -0.18 7.16
CA GLN A 331 23.70 -0.38 7.04
C GLN A 331 23.14 -1.32 8.13
N SER A 332 23.89 -1.48 9.22
CA SER A 332 23.46 -2.35 10.31
C SER A 332 22.13 -1.91 10.93
N PHE A 333 21.82 -0.61 10.86
CA PHE A 333 20.57 -0.06 11.39
C PHE A 333 19.32 -0.69 10.78
N GLU A 334 19.44 -1.16 9.54
CA GLU A 334 18.29 -1.73 8.83
C GLU A 334 17.69 -2.90 9.58
N SER A 335 18.52 -3.64 10.30
CA SER A 335 18.08 -4.80 11.04
C SER A 335 17.75 -4.47 12.48
N ARG A 336 17.79 -3.19 12.83
CA ARG A 336 17.48 -2.82 14.20
C ARG A 336 15.96 -2.74 14.37
N ASP A 337 15.46 -3.14 15.52
CA ASP A 337 14.02 -3.13 15.76
C ASP A 337 13.83 -2.22 16.97
N LEU A 338 13.49 -0.97 16.70
CA LEU A 338 13.43 0.07 17.73
C LEU A 338 12.07 0.78 17.81
N LEU A 339 11.88 1.53 18.87
CA LEU A 339 10.67 2.33 19.11
C LEU A 339 10.74 3.60 18.24
N ILE A 340 9.59 4.26 18.07
CA ILE A 340 9.52 5.52 17.33
C ILE A 340 10.47 6.56 17.93
N ASP A 341 10.41 6.74 19.25
CA ASP A 341 11.27 7.72 19.93
C ASP A 341 12.76 7.40 19.84
N GLU A 342 13.10 6.14 19.57
CA GLU A 342 14.50 5.76 19.46
C GLU A 342 15.02 6.12 18.07
N TRP A 343 14.16 5.94 17.07
CA TRP A 343 14.46 6.31 15.70
C TRP A 343 14.48 7.85 15.61
N LYS A 344 13.63 8.50 16.38
CA LYS A 344 13.59 9.95 16.38
C LYS A 344 14.87 10.52 17.02
N SER A 345 15.27 9.91 18.12
CA SER A 345 16.51 10.31 18.82
C SER A 345 17.77 10.09 17.95
N LEU A 346 17.86 8.94 17.28
CA LEU A 346 18.97 8.65 16.37
C LEU A 346 19.01 9.72 15.28
N THR A 347 17.84 10.09 14.77
CA THR A 347 17.71 11.14 13.74
C THR A 347 18.19 12.49 14.27
N TYR A 348 17.75 12.83 15.48
CA TYR A 348 18.17 14.07 16.12
C TYR A 348 19.70 14.11 16.26
N ASP A 349 20.29 13.01 16.71
CA ASP A 349 21.74 12.94 16.86
C ASP A 349 22.43 13.21 15.53
N GLU A 350 21.89 12.68 14.45
CA GLU A 350 22.49 12.85 13.11
C GLU A 350 22.37 14.26 12.59
N VAL A 351 21.32 14.96 13.01
CA VAL A 351 21.18 16.35 12.63
C VAL A 351 22.28 17.12 13.35
N ILE A 352 22.42 16.84 14.65
CA ILE A 352 23.40 17.55 15.46
C ILE A 352 24.83 17.28 15.04
N SER A 353 25.12 16.07 14.60
CA SER A 353 26.48 15.75 14.23
C SER A 353 26.87 16.19 12.80
N PHE A 354 25.91 16.69 12.03
CA PHE A 354 26.17 17.07 10.64
C PHE A 354 27.28 18.12 10.51
N VAL A 355 28.30 17.82 9.72
CA VAL A 355 29.37 18.77 9.44
C VAL A 355 29.22 19.18 7.97
N PRO A 356 28.99 20.45 7.71
CA PRO A 356 28.81 20.94 6.33
C PRO A 356 30.03 20.73 5.45
N PRO A 357 29.83 20.75 4.14
CA PRO A 357 30.95 20.63 3.21
C PRO A 357 31.60 22.02 3.06
N PRO A 358 32.88 22.05 2.68
CA PRO A 358 33.62 23.29 2.48
C PRO A 358 32.88 24.30 1.60
N ILE B 1 16.12 24.38 -19.58
CA ILE B 1 17.49 24.72 -19.96
C ILE B 1 17.95 24.03 -21.24
N LYS B 2 18.96 24.61 -21.85
CA LYS B 2 19.51 24.11 -23.09
C LYS B 2 20.96 23.77 -22.78
N ILE B 3 21.37 22.56 -23.13
CA ILE B 3 22.72 22.10 -22.85
C ILE B 3 23.63 22.56 -23.98
N LYS B 4 24.75 23.21 -23.64
CA LYS B 4 25.70 23.63 -24.66
C LYS B 4 26.28 22.40 -25.39
N LYS B 5 26.90 22.66 -26.55
CA LYS B 5 27.63 21.63 -27.29
C LYS B 5 28.76 21.23 -26.36
N ILE B 6 29.07 19.93 -26.32
CA ILE B 6 30.11 19.43 -25.43
C ILE B 6 31.42 20.18 -25.65
N GLU B 7 31.63 20.62 -26.90
CA GLU B 7 32.84 21.35 -27.30
C GLU B 7 32.88 22.71 -26.64
N ASP B 8 31.70 23.29 -26.42
CA ASP B 8 31.59 24.61 -25.78
C ASP B 8 31.46 24.47 -24.25
N ALA B 9 30.91 23.36 -23.78
CA ALA B 9 30.74 23.12 -22.33
C ALA B 9 32.07 23.12 -21.64
N SER B 10 32.09 23.66 -20.43
CA SER B 10 33.27 23.71 -19.59
C SER B 10 32.81 23.41 -18.17
N ASN B 11 33.45 22.45 -17.54
CA ASN B 11 33.16 22.11 -16.16
C ASN B 11 34.38 21.43 -15.64
N PRO B 12 34.46 21.29 -14.31
CA PRO B 12 35.67 20.69 -13.72
C PRO B 12 36.02 19.31 -14.29
N LEU B 13 35.01 18.48 -14.52
CA LEU B 13 35.23 17.13 -15.02
C LEU B 13 35.82 17.14 -16.43
N LEU B 14 35.23 17.93 -17.31
CA LEU B 14 35.73 18.05 -18.70
C LEU B 14 37.15 18.64 -18.69
N LEU B 15 37.37 19.64 -17.84
CA LEU B 15 38.68 20.28 -17.75
C LEU B 15 39.73 19.25 -17.42
N LYS B 16 39.41 18.40 -16.44
CA LYS B 16 40.29 17.33 -15.99
C LYS B 16 40.59 16.39 -17.13
N ARG B 17 39.53 15.90 -17.79
CA ARG B 17 39.69 14.95 -18.88
C ARG B 17 40.48 15.53 -20.06
N ARG B 18 40.38 16.84 -20.27
CA ARG B 18 41.09 17.47 -21.36
C ARG B 18 42.58 17.65 -21.01
N LYS B 19 42.87 17.78 -19.71
CA LYS B 19 44.25 17.91 -19.23
C LYS B 19 44.99 16.58 -19.30
N LYS B 20 44.29 15.47 -19.08
CA LYS B 20 44.94 14.17 -19.16
C LYS B 20 45.19 13.84 -20.64
N ALA B 21 44.16 14.10 -21.46
CA ALA B 21 44.24 13.85 -22.89
C ALA B 21 45.32 14.59 -23.71
N ARG B 22 46.09 15.42 -23.03
CA ARG B 22 47.17 16.20 -23.64
C ARG B 22 48.49 15.71 -23.09
N ALA B 23 48.43 15.29 -21.83
CA ALA B 23 49.52 14.62 -21.16
C ALA B 23 49.37 13.23 -21.76
N LEU B 24 49.64 13.15 -23.07
CA LEU B 24 49.49 11.93 -23.84
C LEU B 24 49.56 12.22 -25.33
N ARG C 11 -12.07 -13.39 -22.60
CA ARG C 11 -11.29 -14.26 -21.73
C ARG C 11 -9.80 -13.92 -21.69
N PRO C 12 -9.26 -13.86 -20.47
CA PRO C 12 -7.86 -13.56 -20.26
C PRO C 12 -7.01 -14.83 -20.36
N THR C 13 -5.70 -14.62 -20.34
CA THR C 13 -4.78 -15.71 -20.34
C THR C 13 -4.66 -16.24 -18.91
N PHE C 14 -4.86 -17.54 -18.77
CA PHE C 14 -4.80 -18.24 -17.50
C PHE C 14 -3.49 -19.01 -17.39
N TYR C 15 -3.00 -19.16 -16.18
CA TYR C 15 -1.83 -19.97 -15.93
C TYR C 15 -2.13 -20.88 -14.77
N ARG C 16 -1.61 -22.08 -14.89
CA ARG C 16 -1.90 -23.14 -13.96
C ARG C 16 -0.69 -23.38 -13.10
N GLN C 17 -0.95 -23.60 -11.82
CA GLN C 17 0.13 -23.88 -10.91
C GLN C 17 -0.46 -24.61 -9.74
N GLU C 18 0.29 -25.57 -9.23
CA GLU C 18 -0.16 -26.31 -8.07
C GLU C 18 0.61 -25.86 -6.85
N LEU C 19 -0.13 -25.58 -5.81
CA LEU C 19 0.37 -25.18 -4.54
C LEU C 19 -0.45 -25.84 -3.43
N ASN C 20 0.22 -26.51 -2.49
CA ASN C 20 -0.45 -27.23 -1.42
C ASN C 20 -1.27 -28.41 -1.95
N LYS C 21 -2.47 -28.57 -1.42
CA LYS C 21 -3.68 -28.43 -2.22
C LYS C 21 -4.41 -27.15 -2.62
N THR C 22 -4.99 -27.16 -3.82
CA THR C 22 -4.14 -27.71 -4.86
C THR C 22 -3.69 -27.27 -6.25
N ILE C 23 -4.61 -27.27 -7.20
CA ILE C 23 -4.40 -26.61 -8.48
C ILE C 23 -5.05 -25.22 -8.38
N TRP C 24 -4.36 -24.23 -8.92
CA TRP C 24 -4.94 -22.90 -9.08
C TRP C 24 -4.77 -22.56 -10.51
N GLU C 25 -5.88 -22.22 -11.16
CA GLU C 25 -5.80 -21.77 -12.52
C GLU C 25 -6.46 -20.43 -12.52
N VAL C 26 -5.61 -19.40 -12.61
CA VAL C 26 -6.08 -18.03 -12.53
C VAL C 26 -5.55 -17.15 -13.68
N PRO C 27 -6.15 -15.99 -13.89
CA PRO C 27 -5.66 -15.04 -14.89
C PRO C 27 -4.25 -14.57 -14.54
N GLU C 28 -3.44 -14.32 -15.55
CA GLU C 28 -2.05 -13.90 -15.31
C GLU C 28 -1.94 -12.58 -14.53
N ARG C 29 -3.05 -11.84 -14.44
CA ARG C 29 -3.05 -10.59 -13.70
C ARG C 29 -2.74 -10.79 -12.23
N TYR C 30 -2.98 -12.00 -11.73
CA TYR C 30 -2.74 -12.36 -10.33
C TYR C 30 -1.40 -13.04 -10.20
N GLN C 31 -0.51 -12.38 -9.47
CA GLN C 31 0.86 -12.81 -9.36
C GLN C 31 1.33 -13.07 -7.91
N ASN C 32 2.34 -13.92 -7.78
CA ASN C 32 2.92 -14.25 -6.48
C ASN C 32 1.87 -14.78 -5.50
N LEU C 33 1.13 -15.80 -5.92
CA LEU C 33 0.12 -16.40 -5.05
C LEU C 33 0.76 -17.07 -3.85
N SER C 34 0.32 -16.67 -2.66
CA SER C 34 0.83 -17.24 -1.42
C SER C 34 -0.26 -17.90 -0.61
N PRO C 35 -0.18 -19.21 -0.48
CA PRO C 35 -1.20 -19.97 0.26
C PRO C 35 -1.38 -19.35 1.63
N VAL C 36 -2.59 -18.91 1.91
CA VAL C 36 -2.83 -18.21 3.16
C VAL C 36 -3.99 -18.77 3.96
N GLY C 37 -4.49 -19.94 3.57
CA GLY C 37 -5.60 -20.52 4.29
C GLY C 37 -6.37 -21.56 3.49
N SER C 38 -7.20 -22.32 4.21
CA SER C 38 -8.00 -23.37 3.64
C SER C 38 -9.03 -23.81 4.67
N GLY C 39 -10.03 -24.55 4.20
CA GLY C 39 -11.10 -25.04 5.06
C GLY C 39 -11.94 -26.00 4.24
N ALA C 40 -13.26 -25.79 4.26
CA ALA C 40 -14.19 -26.62 3.53
C ALA C 40 -15.07 -25.74 2.65
N TYR C 41 -14.94 -24.43 2.87
CA TYR C 41 -15.66 -23.45 2.06
C TYR C 41 -14.76 -23.11 0.87
N GLY C 42 -13.47 -23.41 0.99
CA GLY C 42 -12.51 -23.16 -0.07
C GLY C 42 -11.18 -22.55 0.41
N SER C 43 -10.09 -22.90 -0.27
CA SER C 43 -8.76 -22.36 0.04
C SER C 43 -8.61 -20.92 -0.41
N VAL C 44 -7.76 -20.18 0.29
CA VAL C 44 -7.46 -18.79 -0.01
C VAL C 44 -5.96 -18.54 -0.13
N CYS C 45 -5.58 -17.72 -1.11
CA CYS C 45 -4.21 -17.30 -1.36
C CYS C 45 -4.17 -15.79 -1.38
N ALA C 46 -3.07 -15.22 -0.91
CA ALA C 46 -2.86 -13.79 -1.01
C ALA C 46 -2.15 -13.64 -2.36
N ALA C 47 -2.39 -12.55 -3.06
CA ALA C 47 -1.70 -12.34 -4.33
C ALA C 47 -1.57 -10.87 -4.60
N PHE C 48 -0.76 -10.54 -5.60
CA PHE C 48 -0.62 -9.17 -6.05
C PHE C 48 -1.46 -9.07 -7.31
N ASP C 49 -2.32 -8.08 -7.38
CA ASP C 49 -3.13 -7.94 -8.56
C ASP C 49 -2.55 -6.80 -9.36
N THR C 50 -1.83 -7.18 -10.42
CA THR C 50 -1.18 -6.22 -11.31
C THR C 50 -2.13 -5.24 -11.94
N LYS C 51 -3.41 -5.57 -12.05
CA LYS C 51 -4.37 -4.63 -12.66
C LYS C 51 -4.71 -3.42 -11.77
N THR C 52 -4.89 -3.66 -10.47
CA THR C 52 -5.28 -2.60 -9.53
C THR C 52 -4.14 -2.13 -8.63
N GLY C 53 -3.06 -2.91 -8.58
CA GLY C 53 -1.92 -2.60 -7.75
C GLY C 53 -2.18 -3.07 -6.31
N LEU C 54 -3.17 -3.95 -6.13
CA LEU C 54 -3.57 -4.32 -4.78
C LEU C 54 -3.11 -5.74 -4.43
N ARG C 55 -2.95 -5.85 -3.06
CA ARG C 55 -2.77 -7.16 -2.47
C ARG C 55 -4.24 -7.64 -2.42
N VAL C 56 -4.49 -8.86 -2.86
CA VAL C 56 -5.86 -9.38 -2.95
C VAL C 56 -5.95 -10.76 -2.33
N ALA C 57 -7.17 -11.17 -2.01
CA ALA C 57 -7.39 -12.51 -1.48
C ALA C 57 -8.12 -13.24 -2.61
N VAL C 58 -7.53 -14.33 -3.08
CA VAL C 58 -8.15 -15.13 -4.13
C VAL C 58 -8.65 -16.35 -3.42
N LYS C 59 -9.98 -16.50 -3.41
CA LYS C 59 -10.63 -17.60 -2.75
C LYS C 59 -11.12 -18.58 -3.81
N LYS C 60 -10.66 -19.83 -3.70
CA LYS C 60 -11.10 -20.86 -4.62
C LYS C 60 -12.16 -21.75 -3.97
N LEU C 61 -13.33 -21.88 -4.60
CA LEU C 61 -14.34 -22.81 -4.08
C LEU C 61 -14.26 -24.06 -4.98
N SER C 62 -13.84 -25.15 -4.40
CA SER C 62 -13.64 -26.38 -5.15
C SER C 62 -14.85 -27.33 -5.11
N ARG C 63 -15.64 -27.16 -4.04
CA ARG C 63 -16.81 -27.96 -3.74
C ARG C 63 -18.16 -27.34 -4.13
N PRO C 64 -18.17 -26.28 -4.94
CA PRO C 64 -19.39 -25.52 -5.15
C PRO C 64 -20.76 -26.27 -5.18
N PHE C 65 -20.91 -27.29 -6.02
CA PHE C 65 -22.21 -27.90 -6.16
C PHE C 65 -22.24 -29.37 -5.84
N GLN C 66 -21.81 -29.68 -4.64
CA GLN C 66 -21.81 -31.05 -4.15
C GLN C 66 -23.18 -31.40 -3.54
N SER C 67 -23.95 -30.38 -3.20
CA SER C 67 -25.30 -30.57 -2.66
C SER C 67 -26.15 -29.33 -2.93
N ILE C 68 -27.44 -29.43 -2.67
CA ILE C 68 -28.35 -28.30 -2.86
C ILE C 68 -27.89 -27.17 -1.97
N ILE C 69 -27.58 -27.51 -0.72
CA ILE C 69 -27.10 -26.54 0.26
C ILE C 69 -25.80 -25.86 -0.17
N HIS C 70 -24.86 -26.60 -0.73
CA HIS C 70 -23.60 -26.00 -1.16
C HIS C 70 -23.87 -25.09 -2.34
N ALA C 71 -24.51 -25.64 -3.36
CA ALA C 71 -24.80 -24.90 -4.58
C ALA C 71 -25.59 -23.59 -4.31
N LYS C 72 -26.61 -23.68 -3.46
CA LYS C 72 -27.45 -22.54 -3.16
C LYS C 72 -26.64 -21.50 -2.38
N ARG C 73 -25.79 -21.98 -1.48
CA ARG C 73 -24.92 -21.12 -0.70
C ARG C 73 -23.87 -20.40 -1.57
N THR C 74 -23.37 -21.09 -2.59
CA THR C 74 -22.38 -20.53 -3.55
C THR C 74 -23.08 -19.41 -4.32
N TYR C 75 -24.30 -19.70 -4.78
CA TYR C 75 -25.13 -18.71 -5.49
C TYR C 75 -25.41 -17.50 -4.58
N ARG C 76 -25.77 -17.76 -3.32
CA ARG C 76 -26.03 -16.69 -2.34
C ARG C 76 -24.79 -15.82 -2.08
N GLU C 77 -23.63 -16.44 -1.89
CA GLU C 77 -22.40 -15.67 -1.66
C GLU C 77 -22.03 -14.80 -2.88
N LEU C 78 -22.27 -15.29 -4.09
CA LEU C 78 -21.96 -14.53 -5.28
C LEU C 78 -22.97 -13.37 -5.45
N ARG C 79 -24.24 -13.63 -5.16
CA ARG C 79 -25.27 -12.60 -5.24
C ARG C 79 -24.98 -11.48 -4.22
N LEU C 80 -24.63 -11.89 -3.01
CA LEU C 80 -24.31 -10.97 -1.92
C LEU C 80 -23.10 -10.08 -2.30
N LEU C 81 -22.00 -10.73 -2.62
CA LEU C 81 -20.78 -10.01 -2.97
C LEU C 81 -20.93 -9.08 -4.17
N LYS C 82 -21.72 -9.49 -5.17
CA LYS C 82 -21.92 -8.66 -6.38
C LYS C 82 -22.73 -7.39 -6.09
N HIS C 83 -23.56 -7.45 -5.06
CA HIS C 83 -24.39 -6.31 -4.68
C HIS C 83 -23.70 -5.24 -3.84
N MET C 84 -22.61 -5.60 -3.19
CA MET C 84 -21.91 -4.68 -2.28
C MET C 84 -21.06 -3.61 -2.88
N LYS C 85 -21.58 -2.39 -2.90
CA LYS C 85 -20.77 -1.29 -3.42
C LYS C 85 -20.77 -0.16 -2.42
N HIS C 86 -19.87 -0.21 -1.45
CA HIS C 86 -19.83 0.79 -0.37
C HIS C 86 -18.44 0.82 0.24
N GLU C 87 -17.99 2.03 0.55
CA GLU C 87 -16.67 2.26 1.12
C GLU C 87 -16.31 1.37 2.33
N ASN C 88 -17.31 1.11 3.19
CA ASN C 88 -17.02 0.37 4.43
C ASN C 88 -17.41 -1.11 4.38
N VAL C 89 -17.66 -1.59 3.19
CA VAL C 89 -17.98 -2.99 2.93
C VAL C 89 -17.10 -3.66 1.83
N ILE C 90 -16.58 -4.84 2.14
CA ILE C 90 -15.82 -5.59 1.16
C ILE C 90 -16.64 -5.85 -0.07
N GLY C 91 -16.19 -5.41 -1.20
CA GLY C 91 -16.82 -5.79 -2.43
C GLY C 91 -16.04 -6.74 -3.31
N LEU C 92 -16.63 -7.11 -4.42
CA LEU C 92 -16.04 -8.11 -5.29
C LEU C 92 -15.11 -7.42 -6.28
N LEU C 93 -13.83 -7.78 -6.33
CA LEU C 93 -12.96 -7.18 -7.34
C LEU C 93 -13.09 -7.99 -8.63
N ASP C 94 -13.34 -9.27 -8.46
CA ASP C 94 -13.43 -10.10 -9.65
C ASP C 94 -13.96 -11.45 -9.24
N VAL C 95 -14.49 -12.16 -10.22
CA VAL C 95 -14.96 -13.53 -10.05
C VAL C 95 -14.69 -14.19 -11.41
N PHE C 96 -14.12 -15.39 -11.38
CA PHE C 96 -13.77 -16.06 -12.62
C PHE C 96 -13.76 -17.58 -12.47
N THR C 97 -13.83 -18.26 -13.61
CA THR C 97 -13.68 -19.70 -13.66
C THR C 97 -12.86 -19.96 -14.91
N PRO C 98 -11.99 -20.97 -14.86
CA PRO C 98 -11.18 -21.33 -16.02
C PRO C 98 -12.06 -22.06 -17.06
N ALA C 99 -13.26 -22.50 -16.65
CA ALA C 99 -14.22 -23.18 -17.55
C ALA C 99 -14.62 -22.32 -18.75
N ARG C 100 -14.68 -22.92 -19.94
CA ARG C 100 -15.05 -22.20 -21.18
C ARG C 100 -16.56 -22.34 -21.44
N SER C 101 -17.20 -23.22 -20.69
CA SER C 101 -18.61 -23.47 -20.88
C SER C 101 -19.24 -23.99 -19.61
N LEU C 102 -20.56 -23.93 -19.57
CA LEU C 102 -21.34 -24.45 -18.44
C LEU C 102 -21.05 -25.93 -18.16
N GLU C 103 -20.95 -26.71 -19.24
CA GLU C 103 -20.67 -28.14 -19.11
C GLU C 103 -19.44 -28.43 -18.25
N GLU C 104 -18.33 -27.76 -18.56
CA GLU C 104 -17.10 -27.94 -17.79
C GLU C 104 -16.98 -27.07 -16.55
N PHE C 105 -17.96 -26.20 -16.32
CA PHE C 105 -17.94 -25.32 -15.16
C PHE C 105 -17.96 -26.11 -13.86
N ASN C 106 -16.93 -25.92 -13.05
CA ASN C 106 -16.87 -26.60 -11.77
C ASN C 106 -16.25 -25.69 -10.73
N ASP C 107 -15.20 -24.98 -11.11
CA ASP C 107 -14.52 -24.13 -10.15
C ASP C 107 -14.96 -22.68 -10.22
N VAL C 108 -15.08 -22.06 -9.06
CA VAL C 108 -15.38 -20.64 -8.98
C VAL C 108 -14.35 -19.99 -8.06
N TYR C 109 -13.78 -18.89 -8.51
CA TYR C 109 -12.79 -18.14 -7.73
C TYR C 109 -13.32 -16.73 -7.45
N LEU C 110 -13.20 -16.30 -6.20
CA LEU C 110 -13.66 -14.97 -5.81
C LEU C 110 -12.48 -14.11 -5.37
N VAL C 111 -12.39 -12.88 -5.90
CA VAL C 111 -11.26 -12.01 -5.58
C VAL C 111 -11.72 -10.77 -4.85
N THR C 112 -11.07 -10.47 -3.74
CA THR C 112 -11.40 -9.30 -2.93
C THR C 112 -10.12 -8.60 -2.45
N HIS C 113 -10.24 -7.32 -2.11
CA HIS C 113 -9.11 -6.52 -1.59
C HIS C 113 -8.70 -7.09 -0.23
N LEU C 114 -7.41 -7.34 -0.04
CA LEU C 114 -6.87 -7.85 1.22
C LEU C 114 -6.29 -6.66 1.95
N MET C 115 -7.16 -5.82 2.53
CA MET C 115 -6.79 -4.57 3.20
C MET C 115 -6.31 -4.75 4.65
N GLY C 116 -5.24 -4.04 5.00
CA GLY C 116 -4.66 -4.06 6.35
C GLY C 116 -4.62 -5.41 7.06
N ALA C 117 -5.15 -5.45 8.28
CA ALA C 117 -5.20 -6.64 9.10
C ALA C 117 -6.57 -6.66 9.76
N ASP C 118 -6.94 -7.78 10.38
CA ASP C 118 -8.22 -7.77 11.10
C ASP C 118 -8.13 -7.06 12.47
N LEU C 119 -9.28 -6.59 12.97
CA LEU C 119 -9.31 -5.83 14.21
C LEU C 119 -8.71 -6.58 15.41
N ASN C 120 -8.90 -7.89 15.43
CA ASN C 120 -8.33 -8.71 16.49
C ASN C 120 -6.79 -8.62 16.44
N ASN C 121 -6.25 -8.59 15.23
CA ASN C 121 -4.81 -8.50 15.07
C ASN C 121 -4.22 -7.17 15.53
N ILE C 122 -4.90 -6.08 15.23
CA ILE C 122 -4.45 -4.75 15.63
C ILE C 122 -4.48 -4.60 17.15
N VAL C 123 -5.60 -4.96 17.77
CA VAL C 123 -5.75 -4.88 19.23
C VAL C 123 -4.63 -5.66 19.95
N LYS C 124 -4.19 -6.76 19.35
CA LYS C 124 -3.11 -7.55 19.93
C LYS C 124 -1.77 -6.81 20.09
N CYS C 125 -1.48 -5.86 19.20
CA CYS C 125 -0.21 -5.13 19.27
C CYS C 125 -0.42 -3.66 19.49
N GLN C 126 -1.60 -3.27 19.96
CA GLN C 126 -1.84 -1.87 20.14
C GLN C 126 -3.03 -1.57 21.04
N LYS C 127 -2.91 -0.52 21.85
CA LYS C 127 -4.03 -0.02 22.66
C LYS C 127 -4.60 1.19 21.94
N LEU C 128 -5.83 1.04 21.47
CA LEU C 128 -6.48 2.08 20.72
C LEU C 128 -6.91 3.24 21.62
N THR C 129 -7.03 4.43 21.04
CA THR C 129 -7.51 5.59 21.80
C THR C 129 -9.00 5.66 21.61
N ASP C 130 -9.64 6.54 22.37
CA ASP C 130 -11.09 6.73 22.27
C ASP C 130 -11.43 7.30 20.91
N ASP C 131 -10.51 8.08 20.35
CA ASP C 131 -10.69 8.67 19.02
C ASP C 131 -10.76 7.54 17.99
N HIS C 132 -9.86 6.55 18.12
CA HIS C 132 -9.84 5.40 17.22
C HIS C 132 -11.17 4.68 17.27
N VAL C 133 -11.64 4.41 18.49
CA VAL C 133 -12.91 3.71 18.67
C VAL C 133 -14.11 4.45 18.08
N GLN C 134 -14.16 5.77 18.27
CA GLN C 134 -15.23 6.57 17.66
C GLN C 134 -15.26 6.36 16.14
N PHE C 135 -14.10 6.52 15.48
CA PHE C 135 -14.01 6.43 14.00
C PHE C 135 -14.19 5.01 13.48
N LEU C 136 -13.67 4.03 14.22
CA LEU C 136 -13.85 2.64 13.83
C LEU C 136 -15.33 2.24 13.94
N ILE C 137 -15.95 2.51 15.09
CA ILE C 137 -17.36 2.14 15.24
C ILE C 137 -18.27 2.88 14.27
N TYR C 138 -17.96 4.15 14.06
CA TYR C 138 -18.70 4.95 13.10
C TYR C 138 -18.75 4.27 11.71
N GLN C 139 -17.59 3.79 11.26
CA GLN C 139 -17.49 3.13 9.94
C GLN C 139 -18.21 1.79 9.89
N ILE C 140 -18.24 1.08 11.02
CA ILE C 140 -18.97 -0.18 11.04
C ILE C 140 -20.44 0.13 10.84
N LEU C 141 -20.91 1.15 11.55
CA LEU C 141 -22.30 1.59 11.46
C LEU C 141 -22.64 2.23 10.10
N ARG C 142 -21.66 2.90 9.49
CA ARG C 142 -21.91 3.46 8.15
C ARG C 142 -22.09 2.29 7.17
N GLY C 143 -21.24 1.28 7.29
CA GLY C 143 -21.38 0.09 6.45
C GLY C 143 -22.70 -0.65 6.72
N LEU C 144 -23.06 -0.78 8.00
CA LEU C 144 -24.28 -1.47 8.40
C LEU C 144 -25.56 -0.75 7.92
N LYS C 145 -25.58 0.58 7.96
CA LYS C 145 -26.77 1.28 7.43
C LYS C 145 -26.96 0.89 5.95
N TYR C 146 -25.85 0.81 5.22
CA TYR C 146 -25.92 0.45 3.80
C TYR C 146 -26.43 -0.97 3.61
N ILE C 147 -25.87 -1.91 4.37
CA ILE C 147 -26.28 -3.31 4.27
C ILE C 147 -27.74 -3.50 4.71
N HIS C 148 -28.10 -2.90 5.83
CA HIS C 148 -29.47 -3.05 6.34
C HIS C 148 -30.51 -2.41 5.41
N SER C 149 -30.12 -1.35 4.69
CA SER C 149 -31.03 -0.66 3.75
C SER C 149 -31.52 -1.59 2.64
N ALA C 150 -30.66 -2.51 2.22
CA ALA C 150 -31.00 -3.48 1.19
C ALA C 150 -31.64 -4.71 1.82
N ASP C 151 -31.95 -4.63 3.11
CA ASP C 151 -32.57 -5.74 3.85
C ASP C 151 -31.63 -6.96 3.95
N ILE C 152 -30.34 -6.68 4.06
CA ILE C 152 -29.34 -7.73 4.23
C ILE C 152 -28.86 -7.71 5.69
N ILE C 153 -28.73 -8.89 6.27
CA ILE C 153 -28.21 -9.04 7.64
C ILE C 153 -26.88 -9.78 7.55
N HIS C 154 -25.82 -9.22 8.14
CA HIS C 154 -24.51 -9.84 8.13
C HIS C 154 -24.50 -11.16 8.95
N ARG C 155 -24.98 -11.08 10.19
CA ARG C 155 -25.13 -12.23 11.08
C ARG C 155 -23.89 -12.75 11.81
N ASP C 156 -22.70 -12.38 11.39
CA ASP C 156 -21.49 -12.93 11.98
C ASP C 156 -20.43 -11.86 12.23
N LEU C 157 -20.89 -10.68 12.64
CA LEU C 157 -20.00 -9.56 12.93
C LEU C 157 -19.17 -9.89 14.17
N LYS C 158 -17.87 -9.69 14.04
CA LYS C 158 -16.89 -9.90 15.11
C LYS C 158 -15.61 -9.26 14.64
N PRO C 159 -14.68 -9.02 15.55
CA PRO C 159 -13.44 -8.33 15.22
C PRO C 159 -12.64 -8.92 14.06
N SER C 160 -12.68 -10.25 13.94
CA SER C 160 -11.91 -10.91 12.87
C SER C 160 -12.62 -10.73 11.51
N ASN C 161 -13.83 -10.18 11.53
CA ASN C 161 -14.57 -9.92 10.30
C ASN C 161 -14.54 -8.46 9.94
N LEU C 162 -13.58 -7.75 10.51
CA LEU C 162 -13.40 -6.32 10.26
C LEU C 162 -11.96 -6.08 9.77
N ALA C 163 -11.82 -5.47 8.60
CA ALA C 163 -10.50 -5.19 8.06
C ALA C 163 -10.16 -3.76 8.37
N VAL C 164 -8.94 -3.51 8.88
CA VAL C 164 -8.52 -2.14 9.25
C VAL C 164 -7.10 -1.85 8.79
N ASN C 165 -6.87 -0.68 8.22
CA ASN C 165 -5.50 -0.32 7.79
C ASN C 165 -4.82 0.73 8.68
N GLU C 166 -3.60 1.12 8.29
CA GLU C 166 -2.82 2.07 9.08
C GLU C 166 -3.43 3.46 9.18
N ASP C 167 -4.22 3.83 8.17
CA ASP C 167 -4.92 5.11 8.20
C ASP C 167 -6.31 5.00 8.84
N CYS C 168 -6.53 3.89 9.55
CA CYS C 168 -7.77 3.66 10.27
C CYS C 168 -9.01 3.48 9.43
N GLU C 169 -8.85 3.08 8.18
CA GLU C 169 -10.02 2.80 7.34
C GLU C 169 -10.53 1.43 7.73
N LEU C 170 -11.83 1.20 7.58
CA LEU C 170 -12.42 -0.07 7.97
C LEU C 170 -13.43 -0.55 6.92
N LYS C 171 -13.46 -1.86 6.75
CA LYS C 171 -14.39 -2.50 5.82
C LYS C 171 -14.88 -3.75 6.50
N ILE C 172 -16.16 -4.03 6.36
CA ILE C 172 -16.83 -5.21 6.91
C ILE C 172 -16.67 -6.35 5.89
N LEU C 173 -16.30 -7.54 6.37
CA LEU C 173 -16.17 -8.69 5.48
C LEU C 173 -16.75 -10.00 5.98
N ASP C 174 -16.69 -11.00 5.11
CA ASP C 174 -17.14 -12.34 5.46
C ASP C 174 -18.55 -12.39 6.04
N PHE C 175 -19.53 -12.07 5.21
CA PHE C 175 -20.94 -12.13 5.61
C PHE C 175 -21.35 -13.55 6.04
N GLY C 176 -22.22 -13.63 7.05
CA GLY C 176 -22.72 -14.93 7.51
C GLY C 176 -23.46 -15.56 6.32
N LEU C 177 -22.88 -16.60 5.74
CA LEU C 177 -23.46 -17.20 4.54
C LEU C 177 -24.44 -18.33 4.77
N ALA C 178 -24.64 -18.71 6.03
CA ALA C 178 -25.57 -19.79 6.31
C ALA C 178 -27.00 -19.36 6.64
N ARG C 179 -27.96 -20.11 6.11
CA ARG C 179 -29.38 -19.81 6.32
C ARG C 179 -30.26 -21.01 6.08
N ARG C 192 -19.37 -17.12 19.33
CA ARG C 192 -20.71 -16.68 19.76
C ARG C 192 -20.68 -15.57 20.80
N TRP C 193 -19.47 -15.19 21.21
CA TRP C 193 -19.28 -14.08 22.17
C TRP C 193 -19.91 -12.78 21.66
N TYR C 194 -20.20 -12.71 20.35
CA TYR C 194 -20.77 -11.50 19.75
C TYR C 194 -22.18 -11.70 19.22
N ARG C 195 -22.71 -12.92 19.38
CA ARG C 195 -24.03 -13.26 18.85
C ARG C 195 -25.17 -12.79 19.80
N ALA C 196 -26.25 -12.28 19.21
CA ALA C 196 -27.41 -11.78 19.95
C ALA C 196 -28.11 -12.94 20.66
N PRO C 197 -28.50 -12.70 21.91
CA PRO C 197 -29.15 -13.74 22.70
C PRO C 197 -30.25 -14.50 21.93
N GLU C 198 -31.09 -13.76 21.21
CA GLU C 198 -32.18 -14.37 20.46
C GLU C 198 -31.79 -15.27 19.29
N ILE C 199 -30.59 -15.08 18.73
CA ILE C 199 -30.18 -15.91 17.60
C ILE C 199 -29.34 -17.11 18.09
N MET C 200 -28.65 -16.90 19.21
CA MET C 200 -27.80 -17.91 19.81
C MET C 200 -28.58 -19.17 20.17
N LEU C 201 -29.77 -18.95 20.73
CA LEU C 201 -30.65 -20.04 21.13
C LEU C 201 -31.84 -20.13 20.17
N ASN C 202 -31.78 -19.33 19.10
CA ASN C 202 -32.86 -19.29 18.10
C ASN C 202 -34.25 -19.01 18.68
N TRP C 203 -34.32 -18.04 19.58
CA TRP C 203 -35.57 -17.63 20.24
C TRP C 203 -36.61 -17.23 19.19
N MET C 204 -36.15 -16.62 18.10
CA MET C 204 -37.05 -16.13 17.07
C MET C 204 -36.29 -15.82 15.79
N HIS C 205 -37.01 -15.20 14.85
CA HIS C 205 -36.46 -14.74 13.58
C HIS C 205 -35.53 -13.55 13.78
N TYR C 206 -34.39 -13.56 13.09
CA TYR C 206 -33.39 -12.49 13.16
C TYR C 206 -33.94 -11.15 12.71
N ASN C 207 -33.61 -10.11 13.46
CA ASN C 207 -33.95 -8.75 13.10
C ASN C 207 -32.60 -8.26 12.58
N GLN C 208 -32.59 -7.17 11.80
CA GLN C 208 -31.33 -6.61 11.33
C GLN C 208 -30.51 -6.23 12.55
N THR C 209 -31.19 -5.79 13.61
CA THR C 209 -30.47 -5.43 14.85
C THR C 209 -29.67 -6.53 15.56
N VAL C 210 -29.66 -7.77 15.04
CA VAL C 210 -28.78 -8.79 15.63
C VAL C 210 -27.35 -8.28 15.35
N ASP C 211 -27.18 -7.55 14.22
CA ASP C 211 -25.85 -6.98 13.91
C ASP C 211 -25.46 -5.83 14.90
N ILE C 212 -26.45 -5.10 15.39
CA ILE C 212 -26.19 -3.97 16.33
C ILE C 212 -25.75 -4.53 17.66
N TRP C 213 -26.36 -5.64 18.04
CA TRP C 213 -25.94 -6.32 19.27
C TRP C 213 -24.43 -6.67 19.17
N SER C 214 -24.01 -7.19 18.02
CA SER C 214 -22.59 -7.51 17.79
C SER C 214 -21.72 -6.29 17.87
N VAL C 215 -22.19 -5.16 17.33
CA VAL C 215 -21.40 -3.94 17.40
C VAL C 215 -21.18 -3.49 18.84
N GLY C 216 -22.23 -3.59 19.66
CA GLY C 216 -22.16 -3.25 21.07
C GLY C 216 -21.11 -4.12 21.75
N CYS C 217 -21.11 -5.42 21.43
CA CYS C 217 -20.09 -6.32 21.97
C CYS C 217 -18.67 -5.95 21.54
N ILE C 218 -18.49 -5.62 20.26
CA ILE C 218 -17.17 -5.22 19.78
C ILE C 218 -16.71 -3.92 20.44
N MET C 219 -17.59 -2.93 20.51
CA MET C 219 -17.24 -1.63 21.05
C MET C 219 -16.90 -1.74 22.54
N ALA C 220 -17.72 -2.48 23.27
CA ALA C 220 -17.47 -2.71 24.72
C ALA C 220 -16.03 -3.23 24.91
N GLU C 221 -15.61 -4.17 24.08
CA GLU C 221 -14.25 -4.75 24.15
C GLU C 221 -13.13 -3.79 23.74
N LEU C 222 -13.32 -3.01 22.68
CA LEU C 222 -12.31 -2.04 22.26
C LEU C 222 -12.01 -1.05 23.41
N LEU C 223 -13.05 -0.76 24.19
CA LEU C 223 -13.00 0.25 25.24
C LEU C 223 -12.37 -0.23 26.53
N THR C 224 -12.75 -1.43 26.94
CA THR C 224 -12.27 -2.02 28.20
C THR C 224 -11.01 -2.89 28.06
N GLY C 225 -10.87 -3.55 26.92
CA GLY C 225 -9.72 -4.43 26.70
C GLY C 225 -10.03 -5.82 27.28
N ARG C 226 -11.33 -6.09 27.39
CA ARG C 226 -11.82 -7.34 27.94
C ARG C 226 -13.03 -7.72 27.12
N THR C 227 -13.13 -8.99 26.74
CA THR C 227 -14.29 -9.51 26.01
C THR C 227 -15.51 -9.33 26.93
N LEU C 228 -16.62 -8.83 26.39
CA LEU C 228 -17.80 -8.53 27.19
C LEU C 228 -18.54 -9.75 27.76
N PHE C 229 -18.85 -10.70 26.88
CA PHE C 229 -19.55 -11.91 27.29
C PHE C 229 -18.76 -13.19 26.92
N PRO C 230 -17.60 -13.43 27.54
CA PRO C 230 -16.79 -14.62 27.18
C PRO C 230 -17.28 -15.95 27.77
N GLY C 231 -18.49 -16.35 27.44
CA GLY C 231 -19.07 -17.58 27.96
C GLY C 231 -18.52 -18.87 27.33
N THR C 232 -18.82 -20.00 27.96
CA THR C 232 -18.36 -21.33 27.53
C THR C 232 -19.33 -22.09 26.65
N ASP C 233 -20.58 -22.21 27.08
CA ASP C 233 -21.62 -22.85 26.28
C ASP C 233 -22.80 -21.93 26.18
N HIS C 234 -23.80 -22.29 25.39
CA HIS C 234 -24.97 -21.44 25.15
C HIS C 234 -25.64 -20.95 26.43
N ILE C 235 -25.78 -21.85 27.41
CA ILE C 235 -26.44 -21.55 28.68
C ILE C 235 -25.61 -20.60 29.54
N ASP C 236 -24.31 -20.86 29.61
CA ASP C 236 -23.39 -20.00 30.33
C ASP C 236 -23.43 -18.59 29.70
N GLN C 237 -23.19 -18.51 28.39
CA GLN C 237 -23.22 -17.24 27.68
C GLN C 237 -24.53 -16.47 27.91
N LEU C 238 -25.66 -17.16 27.77
CA LEU C 238 -26.97 -16.54 27.98
C LEU C 238 -27.15 -15.94 29.38
N LYS C 239 -26.72 -16.68 30.40
CA LYS C 239 -26.80 -16.20 31.79
C LYS C 239 -25.95 -14.95 31.99
N LEU C 240 -24.83 -14.88 31.26
CA LEU C 240 -23.91 -13.74 31.31
C LEU C 240 -24.58 -12.52 30.68
N ILE C 241 -25.23 -12.76 29.56
CA ILE C 241 -25.92 -11.70 28.86
C ILE C 241 -27.05 -11.17 29.72
N LEU C 242 -27.92 -12.08 30.19
CA LEU C 242 -29.07 -11.71 31.01
C LEU C 242 -28.72 -11.04 32.35
N ARG C 243 -27.53 -11.29 32.86
CA ARG C 243 -27.08 -10.68 34.12
C ARG C 243 -26.86 -9.17 33.93
N LEU C 244 -26.39 -8.79 32.75
CA LEU C 244 -26.09 -7.39 32.46
C LEU C 244 -27.32 -6.67 32.00
N VAL C 245 -28.04 -7.35 31.13
CA VAL C 245 -29.12 -6.80 30.36
C VAL C 245 -30.50 -7.09 30.97
N GLY C 246 -30.52 -7.94 32.00
CA GLY C 246 -31.76 -8.29 32.67
C GLY C 246 -32.48 -9.44 31.95
N THR C 247 -33.38 -10.11 32.68
CA THR C 247 -34.16 -11.20 32.10
C THR C 247 -35.36 -10.64 31.35
N PRO C 248 -35.84 -11.37 30.35
CA PRO C 248 -36.97 -10.94 29.50
C PRO C 248 -38.29 -10.69 30.22
N GLY C 249 -39.00 -9.65 29.80
CA GLY C 249 -40.31 -9.36 30.35
C GLY C 249 -41.38 -10.02 29.47
N ALA C 250 -42.64 -9.86 29.84
CA ALA C 250 -43.75 -10.44 29.09
C ALA C 250 -43.82 -9.97 27.64
N GLU C 251 -43.41 -8.72 27.38
CA GLU C 251 -43.42 -8.20 26.02
C GLU C 251 -42.59 -9.13 25.15
N LEU C 252 -41.31 -9.24 25.49
CA LEU C 252 -40.38 -10.10 24.76
C LEU C 252 -40.82 -11.58 24.74
N LEU C 253 -41.37 -12.06 25.84
CA LEU C 253 -41.83 -13.45 25.89
C LEU C 253 -42.88 -13.75 24.84
N LYS C 254 -43.81 -12.81 24.64
CA LYS C 254 -44.82 -13.00 23.60
C LYS C 254 -44.23 -13.15 22.19
N LYS C 255 -42.99 -12.71 22.00
CA LYS C 255 -42.34 -12.75 20.69
C LYS C 255 -41.49 -14.01 20.51
N ILE C 256 -41.10 -14.63 21.62
CA ILE C 256 -40.30 -15.84 21.54
C ILE C 256 -41.18 -16.98 21.04
N SER C 257 -41.01 -17.30 19.76
CA SER C 257 -41.80 -18.32 19.09
C SER C 257 -41.84 -19.73 19.71
N SER C 258 -40.71 -20.18 20.24
CA SER C 258 -40.66 -21.51 20.85
C SER C 258 -41.19 -21.58 22.29
N GLU C 259 -42.09 -22.53 22.49
CA GLU C 259 -42.71 -22.75 23.79
C GLU C 259 -41.78 -23.36 24.84
N SER C 260 -40.90 -24.27 24.41
CA SER C 260 -39.93 -24.88 25.31
C SER C 260 -39.00 -23.77 25.79
N ALA C 261 -38.57 -22.91 24.87
CA ALA C 261 -37.70 -21.78 25.17
C ALA C 261 -38.41 -20.83 26.16
N ARG C 262 -39.69 -20.61 25.90
CA ARG C 262 -40.52 -19.76 26.76
C ARG C 262 -40.59 -20.35 28.16
N ASN C 263 -40.78 -21.67 28.24
CA ASN C 263 -40.79 -22.34 29.54
C ASN C 263 -39.42 -22.27 30.23
N TYR C 264 -38.34 -22.38 29.46
CA TYR C 264 -37.00 -22.29 30.04
C TYR C 264 -36.80 -20.88 30.61
N ILE C 265 -37.12 -19.87 29.80
CA ILE C 265 -36.98 -18.46 30.19
C ILE C 265 -37.71 -18.16 31.51
N GLN C 266 -38.97 -18.55 31.63
CA GLN C 266 -39.69 -18.29 32.89
C GLN C 266 -39.24 -19.12 34.09
N SER C 267 -38.48 -20.18 33.86
CA SER C 267 -37.80 -20.96 34.92
C SER C 267 -36.62 -20.26 35.56
N LEU C 268 -36.17 -19.22 34.91
CA LEU C 268 -35.08 -18.43 35.40
C LEU C 268 -35.47 -17.48 36.53
N THR C 269 -34.56 -17.31 37.40
CA THR C 269 -34.58 -16.24 38.37
C THR C 269 -34.53 -14.87 37.69
N GLN C 270 -35.58 -14.06 37.93
CA GLN C 270 -35.69 -12.71 37.42
C GLN C 270 -34.46 -11.93 37.80
N MET C 271 -33.98 -11.13 36.86
CA MET C 271 -32.80 -10.34 37.02
C MET C 271 -33.03 -8.95 36.41
N PRO C 272 -32.68 -7.91 37.17
CA PRO C 272 -32.81 -6.57 36.61
C PRO C 272 -31.67 -6.26 35.68
N LYS C 273 -31.83 -5.23 34.88
CA LYS C 273 -30.79 -4.77 34.00
C LYS C 273 -29.83 -4.00 34.89
N MET C 274 -28.53 -4.08 34.63
CA MET C 274 -27.56 -3.35 35.44
C MET C 274 -27.39 -1.94 34.88
N ASN C 275 -26.76 -1.09 35.68
CA ASN C 275 -26.46 0.29 35.28
C ASN C 275 -25.12 0.19 34.53
N PHE C 276 -25.09 0.48 33.21
CA PHE C 276 -23.84 0.37 32.45
C PHE C 276 -22.77 1.31 32.94
N ALA C 277 -23.18 2.45 33.52
CA ALA C 277 -22.21 3.43 34.02
C ALA C 277 -21.26 2.82 35.03
N ASN C 278 -21.75 1.83 35.77
CA ASN C 278 -20.95 1.18 36.79
C ASN C 278 -20.03 0.13 36.19
N VAL C 279 -20.43 -0.41 35.04
CA VAL C 279 -19.64 -1.41 34.34
C VAL C 279 -18.48 -0.79 33.56
N PHE C 280 -18.65 0.46 33.13
CA PHE C 280 -17.62 1.12 32.32
C PHE C 280 -17.06 2.45 32.86
N ILE C 281 -16.76 2.53 34.14
CA ILE C 281 -16.22 3.76 34.69
C ILE C 281 -14.92 4.18 33.99
N GLY C 282 -14.80 5.48 33.72
CA GLY C 282 -13.64 6.07 33.06
C GLY C 282 -13.85 6.19 31.54
N ALA C 283 -14.82 5.43 31.03
CA ALA C 283 -15.18 5.45 29.61
C ALA C 283 -15.96 6.71 29.23
N ASN C 284 -15.78 7.18 28.00
CA ASN C 284 -16.53 8.33 27.47
C ASN C 284 -18.01 8.08 27.80
N PRO C 285 -18.64 9.01 28.53
CA PRO C 285 -20.04 8.81 28.93
C PRO C 285 -20.98 8.60 27.75
N LEU C 286 -20.69 9.28 26.64
CA LEU C 286 -21.49 9.15 25.42
C LEU C 286 -21.29 7.76 24.80
N ALA C 287 -20.09 7.19 24.95
CA ALA C 287 -19.80 5.84 24.44
C ALA C 287 -20.70 4.89 25.18
N VAL C 288 -20.74 5.05 26.51
CA VAL C 288 -21.55 4.17 27.36
C VAL C 288 -23.04 4.29 27.05
N ASP C 289 -23.48 5.51 26.73
CA ASP C 289 -24.88 5.75 26.41
C ASP C 289 -25.23 5.01 25.11
N LEU C 290 -24.32 5.04 24.13
CA LEU C 290 -24.58 4.32 22.87
C LEU C 290 -24.64 2.80 23.21
N LEU C 291 -23.72 2.34 24.04
CA LEU C 291 -23.71 0.92 24.46
C LEU C 291 -25.04 0.44 25.05
N GLU C 292 -25.63 1.25 25.93
CA GLU C 292 -26.93 0.90 26.51
C GLU C 292 -27.96 0.75 25.40
N LYS C 293 -27.90 1.62 24.40
CA LYS C 293 -28.86 1.58 23.29
C LYS C 293 -28.69 0.41 22.31
N MET C 294 -27.48 -0.13 22.23
CA MET C 294 -27.24 -1.24 21.30
C MET C 294 -27.46 -2.60 21.98
N LEU C 295 -27.09 -2.68 23.25
CA LEU C 295 -27.20 -3.95 23.99
C LEU C 295 -28.50 -4.04 24.76
N VAL C 296 -29.60 -3.92 24.04
CA VAL C 296 -30.92 -3.99 24.63
C VAL C 296 -31.44 -5.37 24.30
N LEU C 297 -31.89 -6.09 25.32
CA LEU C 297 -32.32 -7.46 25.15
C LEU C 297 -33.32 -7.68 24.03
N ASP C 298 -34.39 -6.89 24.01
CA ASP C 298 -35.43 -6.99 22.99
C ASP C 298 -34.92 -6.33 21.71
N SER C 299 -34.86 -7.10 20.62
CA SER C 299 -34.32 -6.61 19.35
C SER C 299 -35.06 -5.47 18.66
N ASP C 300 -36.39 -5.42 18.86
CA ASP C 300 -37.23 -4.37 18.28
C ASP C 300 -36.98 -3.02 18.98
N LYS C 301 -36.22 -3.04 20.06
CA LYS C 301 -35.93 -1.84 20.82
C LYS C 301 -34.44 -1.44 20.79
N ARG C 302 -33.64 -2.17 20.04
CA ARG C 302 -32.22 -1.79 19.91
C ARG C 302 -32.16 -0.65 18.89
N ILE C 303 -31.22 0.28 19.08
CA ILE C 303 -31.05 1.40 18.15
C ILE C 303 -30.68 0.80 16.77
N THR C 304 -31.15 1.42 15.68
CA THR C 304 -30.80 0.96 14.33
C THR C 304 -29.44 1.57 13.97
N ALA C 305 -28.83 1.09 12.89
CA ALA C 305 -27.56 1.65 12.47
C ALA C 305 -27.72 3.13 12.04
N ALA C 306 -28.84 3.45 11.40
CA ALA C 306 -29.09 4.82 10.93
C ALA C 306 -29.21 5.79 12.09
N GLN C 307 -29.98 5.37 13.11
CA GLN C 307 -30.18 6.12 14.34
C GLN C 307 -28.86 6.30 15.06
N ALA C 308 -28.07 5.21 15.14
CA ALA C 308 -26.78 5.27 15.82
C ALA C 308 -25.80 6.27 15.22
N LEU C 309 -25.80 6.36 13.91
CA LEU C 309 -24.91 7.30 13.22
C LEU C 309 -25.22 8.73 13.65
N ALA C 310 -26.48 8.96 14.02
CA ALA C 310 -26.97 10.27 14.52
C ALA C 310 -26.68 10.51 16.01
N HIS C 311 -26.12 9.50 16.70
CA HIS C 311 -25.83 9.62 18.13
C HIS C 311 -24.69 10.61 18.36
N ALA C 312 -24.76 11.35 19.46
CA ALA C 312 -23.75 12.37 19.82
C ALA C 312 -22.33 11.83 19.86
N TYR C 313 -22.17 10.57 20.27
CA TYR C 313 -20.84 9.98 20.27
C TYR C 313 -20.11 10.13 18.91
N PHE C 314 -20.83 10.15 17.79
CA PHE C 314 -20.16 10.33 16.48
C PHE C 314 -20.22 11.76 15.90
N ALA C 315 -20.39 12.77 16.76
CA ALA C 315 -20.49 14.17 16.31
C ALA C 315 -19.45 14.60 15.28
N GLN C 316 -18.19 14.24 15.49
CA GLN C 316 -17.12 14.64 14.58
C GLN C 316 -17.16 13.99 13.21
N TYR C 317 -17.86 12.85 13.11
CA TYR C 317 -17.83 12.07 11.85
C TYR C 317 -19.15 11.97 11.14
N HIS C 318 -20.21 12.36 11.82
CA HIS C 318 -21.51 12.26 11.22
C HIS C 318 -21.79 13.24 10.05
N ASP C 319 -22.26 12.70 8.92
CA ASP C 319 -22.66 13.53 7.79
C ASP C 319 -23.83 12.87 7.09
N PRO C 320 -25.04 13.31 7.41
CA PRO C 320 -26.23 12.70 6.83
C PRO C 320 -26.32 12.79 5.29
N ASP C 321 -25.42 13.57 4.68
CA ASP C 321 -25.37 13.65 3.22
C ASP C 321 -24.33 12.69 2.64
N ASP C 322 -23.66 11.94 3.53
CA ASP C 322 -22.61 11.02 3.09
C ASP C 322 -22.63 9.69 3.86
N GLU C 323 -23.83 9.14 4.01
CA GLU C 323 -24.02 7.84 4.63
C GLU C 323 -25.05 7.15 3.75
N PRO C 324 -24.58 6.74 2.58
CA PRO C 324 -25.43 6.15 1.55
C PRO C 324 -26.16 4.86 1.88
N VAL C 325 -27.30 4.65 1.23
CA VAL C 325 -28.07 3.42 1.32
C VAL C 325 -27.85 2.62 0.03
N ALA C 326 -28.21 1.34 0.05
CA ALA C 326 -28.00 0.44 -1.08
C ALA C 326 -29.18 0.37 -2.05
N ASP C 327 -28.91 -0.05 -3.29
CA ASP C 327 -30.01 -0.29 -4.24
C ASP C 327 -30.75 -1.47 -3.62
N PRO C 328 -31.99 -1.73 -4.05
CA PRO C 328 -32.75 -2.86 -3.51
C PRO C 328 -32.12 -4.20 -3.93
N TYR C 329 -32.11 -5.18 -3.02
CA TYR C 329 -31.47 -6.50 -3.24
C TYR C 329 -32.52 -7.58 -3.31
N ASP C 330 -32.68 -8.21 -4.47
CA ASP C 330 -33.72 -9.21 -4.58
C ASP C 330 -33.38 -10.57 -3.97
N GLN C 331 -34.02 -10.84 -2.84
CA GLN C 331 -33.75 -12.07 -2.08
C GLN C 331 -34.77 -13.16 -2.31
N SER C 332 -35.58 -12.96 -3.34
CA SER C 332 -36.60 -13.93 -3.68
C SER C 332 -36.06 -15.34 -3.99
N PHE C 333 -34.81 -15.42 -4.43
CA PHE C 333 -34.22 -16.73 -4.78
C PHE C 333 -34.23 -17.66 -3.59
N GLU C 334 -34.21 -17.10 -2.39
CA GLU C 334 -34.16 -17.89 -1.14
C GLU C 334 -35.36 -18.85 -1.00
N SER C 335 -36.45 -18.54 -1.70
CA SER C 335 -37.68 -19.32 -1.63
C SER C 335 -37.84 -20.24 -2.85
N ARG C 336 -36.85 -20.24 -3.74
CA ARG C 336 -36.92 -21.12 -4.89
C ARG C 336 -36.44 -22.51 -4.47
N ASP C 337 -37.02 -23.52 -5.10
CA ASP C 337 -36.71 -24.90 -4.76
C ASP C 337 -36.23 -25.49 -6.06
N LEU C 338 -34.91 -25.53 -6.24
CA LEU C 338 -34.33 -25.95 -7.51
C LEU C 338 -33.36 -27.12 -7.42
N LEU C 339 -33.01 -27.66 -8.57
CA LEU C 339 -32.04 -28.74 -8.69
C LEU C 339 -30.63 -28.17 -8.51
N ILE C 340 -29.66 -29.07 -8.27
CA ILE C 340 -28.26 -28.67 -8.15
C ILE C 340 -27.82 -27.94 -9.45
N ASP C 341 -28.14 -28.55 -10.58
CA ASP C 341 -27.78 -28.00 -11.91
C ASP C 341 -28.41 -26.65 -12.25
N GLU C 342 -29.57 -26.37 -11.67
CA GLU C 342 -30.24 -25.08 -11.88
C GLU C 342 -29.55 -24.02 -11.02
N TRP C 343 -29.19 -24.39 -9.78
CA TRP C 343 -28.41 -23.50 -8.90
C TRP C 343 -27.00 -23.29 -9.54
N LYS C 344 -26.42 -24.35 -10.10
CA LYS C 344 -25.11 -24.23 -10.75
C LYS C 344 -25.20 -23.30 -11.96
N SER C 345 -26.26 -23.46 -12.75
CA SER C 345 -26.48 -22.66 -13.94
C SER C 345 -26.65 -21.18 -13.57
N LEU C 346 -27.42 -20.93 -12.52
CA LEU C 346 -27.68 -19.58 -12.00
C LEU C 346 -26.36 -18.90 -11.58
N THR C 347 -25.50 -19.67 -10.91
CA THR C 347 -24.20 -19.19 -10.45
C THR C 347 -23.32 -18.85 -11.66
N TYR C 348 -23.36 -19.72 -12.67
CA TYR C 348 -22.60 -19.52 -13.88
C TYR C 348 -23.03 -18.25 -14.61
N ASP C 349 -24.34 -17.98 -14.64
CA ASP C 349 -24.84 -16.76 -15.28
C ASP C 349 -24.32 -15.52 -14.55
N GLU C 350 -24.25 -15.61 -13.22
CA GLU C 350 -23.80 -14.47 -12.38
C GLU C 350 -22.28 -14.21 -12.50
N VAL C 351 -21.54 -15.25 -12.84
CA VAL C 351 -20.10 -15.11 -13.05
C VAL C 351 -19.94 -14.36 -14.36
N ILE C 352 -20.71 -14.78 -15.36
CA ILE C 352 -20.63 -14.20 -16.68
C ILE C 352 -21.11 -12.76 -16.76
N SER C 353 -22.16 -12.43 -16.02
CA SER C 353 -22.73 -11.09 -16.11
C SER C 353 -21.98 -10.06 -15.26
N PHE C 354 -20.98 -10.52 -14.51
CA PHE C 354 -20.23 -9.65 -13.60
C PHE C 354 -19.51 -8.52 -14.33
N VAL C 355 -19.70 -7.29 -13.84
CA VAL C 355 -18.97 -6.11 -14.35
C VAL C 355 -18.09 -5.60 -13.19
N PRO C 356 -16.78 -5.54 -13.41
CA PRO C 356 -15.87 -5.05 -12.36
C PRO C 356 -16.02 -3.56 -12.11
N PRO C 357 -15.54 -3.09 -10.96
CA PRO C 357 -15.55 -1.66 -10.65
C PRO C 357 -14.43 -0.97 -11.44
N PRO C 358 -14.53 0.35 -11.54
CA PRO C 358 -13.53 1.14 -12.26
C PRO C 358 -12.21 1.22 -11.52
N LEU C 359 -11.11 1.35 -12.27
CA LEU C 359 -9.79 1.55 -11.70
C LEU C 359 -9.90 2.92 -11.02
N ASP C 360 -10.13 2.91 -9.72
CA ASP C 360 -10.37 4.13 -8.95
C ASP C 360 -9.11 4.96 -8.76
N GLN C 361 -8.51 5.40 -9.87
CA GLN C 361 -7.29 6.18 -9.84
C GLN C 361 -6.26 5.47 -10.69
N ILE D 1 -0.14 -4.81 12.16
CA ILE D 1 0.14 -3.41 11.87
C ILE D 1 -0.36 -2.47 12.96
N LYS D 2 0.04 -1.22 12.91
CA LYS D 2 -0.35 -0.26 13.91
C LYS D 2 -1.09 0.87 13.24
N ILE D 3 -2.23 1.23 13.79
CA ILE D 3 -3.03 2.32 13.25
C ILE D 3 -2.38 3.62 13.71
N LYS D 4 -2.25 4.58 12.80
CA LYS D 4 -1.71 5.87 13.16
C LYS D 4 -2.71 6.57 14.10
N LYS D 5 -2.22 7.60 14.79
CA LYS D 5 -3.07 8.46 15.62
C LYS D 5 -4.04 9.07 14.62
N ILE D 6 -5.31 9.25 15.01
CA ILE D 6 -6.30 9.83 14.08
C ILE D 6 -5.82 11.14 13.45
N GLU D 7 -5.10 11.95 14.23
CA GLU D 7 -4.55 13.23 13.73
C GLU D 7 -3.61 13.05 12.55
N ASP D 8 -2.81 11.97 12.59
CA ASP D 8 -1.83 11.64 11.57
C ASP D 8 -2.45 10.84 10.43
N ALA D 9 -3.58 10.19 10.72
CA ALA D 9 -4.27 9.38 9.71
C ALA D 9 -4.88 10.22 8.60
N SER D 10 -4.80 9.69 7.39
CA SER D 10 -5.38 10.37 6.23
C SER D 10 -5.99 9.34 5.30
N ASN D 11 -7.24 9.58 4.95
CA ASN D 11 -8.01 8.71 4.07
C ASN D 11 -9.18 9.52 3.54
N PRO D 12 -9.80 9.04 2.48
CA PRO D 12 -10.89 9.76 1.81
C PRO D 12 -12.06 10.15 2.72
N LEU D 13 -12.46 9.26 3.62
CA LEU D 13 -13.57 9.57 4.54
C LEU D 13 -13.15 10.69 5.52
N LEU D 14 -11.97 10.55 6.10
CA LEU D 14 -11.46 11.59 7.04
C LEU D 14 -11.32 12.95 6.34
N LEU D 15 -10.84 12.97 5.09
CA LEU D 15 -10.74 14.25 4.38
C LEU D 15 -12.05 14.91 4.03
N LYS D 16 -13.04 14.11 3.63
CA LYS D 16 -14.38 14.64 3.35
C LYS D 16 -14.86 15.28 4.64
N ARG D 17 -14.82 14.50 5.73
CA ARG D 17 -15.28 14.96 7.04
C ARG D 17 -14.55 16.22 7.51
N ARG D 18 -13.27 16.34 7.14
CA ARG D 18 -12.47 17.49 7.56
C ARG D 18 -12.70 18.68 6.62
N LYS D 19 -12.60 18.43 5.31
CA LYS D 19 -12.83 19.45 4.31
C LYS D 19 -14.27 19.95 4.34
N LYS D 20 -15.02 19.53 5.35
CA LYS D 20 -16.40 19.94 5.51
C LYS D 20 -16.61 20.60 6.87
N ALA D 21 -15.74 20.28 7.82
CA ALA D 21 -15.79 20.88 9.15
C ALA D 21 -15.12 22.26 9.05
N ARG D 22 -14.37 22.46 7.99
CA ARG D 22 -13.72 23.75 7.73
C ARG D 22 -14.81 24.71 7.29
N ALA D 23 -15.82 24.15 6.60
CA ALA D 23 -17.01 24.89 6.20
C ALA D 23 -17.84 25.04 7.48
N LEU D 24 -17.16 25.42 8.55
CA LEU D 24 -17.76 25.57 9.88
C LEU D 24 -19.13 26.25 9.86
#